data_2LY3
#
_entry.id   2LY3
#
_entity_poly.entity_id   1
_entity_poly.type   'polypeptide(L)'
_entity_poly.pdbx_seq_one_letter_code
;ANVRLQVEGLSGQLEKNVRAQLSTIESDEVTPDRRFRARVDDAIREGLKALGYYQPTIEFDLRPPPKKGRQVLIAKVTPG
VLEHHHHHH
;
_entity_poly.pdbx_strand_id   1
#
# COMPACT_ATOMS: atom_id res chain seq x y z
N ALA A 1 -7.94 12.59 10.97
CA ALA A 1 -7.07 11.90 11.96
C ALA A 1 -7.13 10.38 11.78
N ASN A 2 -8.34 9.83 11.87
CA ASN A 2 -8.54 8.40 11.71
C ASN A 2 -8.32 7.97 10.26
N VAL A 3 -7.11 7.49 9.96
CA VAL A 3 -6.78 7.04 8.62
C VAL A 3 -5.91 5.79 8.64
N ARG A 4 -6.32 4.78 7.90
CA ARG A 4 -5.58 3.52 7.84
C ARG A 4 -5.77 2.86 6.48
N LEU A 5 -4.79 3.02 5.59
CA LEU A 5 -4.87 2.42 4.26
C LEU A 5 -4.77 0.90 4.34
N GLN A 6 -5.65 0.23 3.62
CA GLN A 6 -5.68 -1.23 3.61
C GLN A 6 -4.71 -1.81 2.58
N VAL A 7 -4.02 -2.88 2.98
CA VAL A 7 -3.06 -3.54 2.10
C VAL A 7 -3.62 -4.87 1.61
N GLU A 8 -3.22 -5.26 0.40
CA GLU A 8 -3.67 -6.52 -0.18
C GLU A 8 -2.64 -7.10 -1.14
N GLY A 9 -2.22 -8.33 -0.87
CA GLY A 9 -1.25 -8.99 -1.73
C GLY A 9 0.17 -8.92 -1.19
N LEU A 10 0.29 -9.02 0.13
CA LEU A 10 1.60 -8.99 0.78
C LEU A 10 1.66 -9.97 1.94
N SER A 11 2.87 -10.20 2.43
CA SER A 11 3.08 -11.12 3.54
C SER A 11 4.46 -10.93 4.15
N GLY A 12 4.64 -11.41 5.38
CA GLY A 12 5.92 -11.30 6.05
C GLY A 12 6.45 -9.88 6.09
N GLN A 13 7.67 -9.71 5.59
CA GLN A 13 8.32 -8.40 5.57
C GLN A 13 7.76 -7.52 4.45
N LEU A 14 6.98 -8.11 3.56
CA LEU A 14 6.38 -7.36 2.46
C LEU A 14 5.21 -6.54 2.96
N GLU A 15 4.26 -7.22 3.58
CA GLU A 15 3.08 -6.57 4.11
C GLU A 15 3.46 -5.55 5.17
N LYS A 16 4.53 -5.84 5.92
CA LYS A 16 5.00 -4.96 6.96
C LYS A 16 5.61 -3.70 6.37
N ASN A 17 6.40 -3.87 5.31
CA ASN A 17 7.04 -2.73 4.64
C ASN A 17 5.98 -1.77 4.09
N VAL A 18 5.05 -2.32 3.32
CA VAL A 18 3.97 -1.53 2.74
C VAL A 18 3.22 -0.80 3.84
N ARG A 19 3.05 -1.47 4.98
CA ARG A 19 2.36 -0.89 6.12
C ARG A 19 3.05 0.41 6.53
N ALA A 20 4.38 0.35 6.62
CA ALA A 20 5.16 1.53 6.97
C ALA A 20 4.87 2.67 6.01
N GLN A 21 4.87 2.34 4.72
CA GLN A 21 4.58 3.33 3.70
C GLN A 21 3.16 3.84 3.88
N LEU A 22 2.23 2.90 4.06
CA LEU A 22 0.82 3.25 4.27
C LEU A 22 0.68 4.34 5.32
N SER A 23 1.57 4.32 6.31
CA SER A 23 1.55 5.31 7.37
C SER A 23 2.16 6.63 6.91
N THR A 24 3.18 6.55 6.06
CA THR A 24 3.85 7.75 5.56
C THR A 24 3.06 8.40 4.40
N ILE A 25 2.06 7.69 3.88
CA ILE A 25 1.26 8.23 2.78
C ILE A 25 0.59 9.54 3.17
N GLU A 26 0.15 10.30 2.17
CA GLU A 26 -0.50 11.59 2.38
C GLU A 26 -1.88 11.44 3.02
N SER A 27 -2.30 10.20 3.30
CA SER A 27 -3.61 9.95 3.89
C SER A 27 -3.76 10.58 5.29
N ASP A 28 -2.80 11.41 5.70
CA ASP A 28 -2.86 12.07 6.99
C ASP A 28 -3.83 13.25 6.98
N GLU A 29 -4.92 13.11 6.21
CA GLU A 29 -5.94 14.16 6.09
C GLU A 29 -5.57 15.14 4.98
N VAL A 30 -5.71 14.68 3.74
CA VAL A 30 -5.40 15.51 2.58
C VAL A 30 -6.46 15.36 1.49
N THR A 31 -6.16 15.85 0.29
CA THR A 31 -7.09 15.76 -0.83
C THR A 31 -6.71 14.60 -1.74
N PRO A 32 -7.35 13.43 -1.56
CA PRO A 32 -7.06 12.24 -2.38
C PRO A 32 -7.51 12.39 -3.82
N ASP A 33 -6.55 12.36 -4.73
CA ASP A 33 -6.81 12.48 -6.16
C ASP A 33 -5.81 11.66 -6.96
N ARG A 34 -5.91 11.72 -8.28
CA ARG A 34 -5.00 10.97 -9.15
C ARG A 34 -3.55 11.12 -8.68
N ARG A 35 -3.25 12.25 -8.06
CA ARG A 35 -1.91 12.52 -7.55
C ARG A 35 -1.66 11.75 -6.25
N PHE A 36 -2.67 11.69 -5.40
CA PHE A 36 -2.55 10.97 -4.14
C PHE A 36 -2.36 9.49 -4.43
N ARG A 37 -3.14 9.00 -5.39
CA ARG A 37 -3.06 7.62 -5.81
C ARG A 37 -1.62 7.24 -6.18
N ALA A 38 -0.93 8.15 -6.85
CA ALA A 38 0.45 7.92 -7.26
C ALA A 38 1.38 7.87 -6.04
N ARG A 39 1.17 8.80 -5.11
CA ARG A 39 1.97 8.85 -3.90
C ARG A 39 1.89 7.53 -3.13
N VAL A 40 0.71 6.92 -3.18
CA VAL A 40 0.49 5.64 -2.51
C VAL A 40 1.22 4.52 -3.23
N ASP A 41 1.00 4.43 -4.53
CA ASP A 41 1.65 3.40 -5.35
C ASP A 41 3.16 3.47 -5.21
N ASP A 42 3.70 4.67 -5.31
CA ASP A 42 5.14 4.88 -5.18
C ASP A 42 5.62 4.39 -3.82
N ALA A 43 4.88 4.74 -2.78
CA ALA A 43 5.21 4.33 -1.43
C ALA A 43 5.33 2.82 -1.33
N ILE A 44 4.25 2.12 -1.65
CA ILE A 44 4.23 0.67 -1.63
C ILE A 44 5.32 0.10 -2.52
N ARG A 45 5.28 0.50 -3.79
CA ARG A 45 6.25 0.03 -4.78
C ARG A 45 7.68 0.27 -4.30
N GLU A 46 7.91 1.40 -3.63
CA GLU A 46 9.23 1.71 -3.13
C GLU A 46 9.65 0.69 -2.08
N GLY A 47 8.85 0.57 -1.02
CA GLY A 47 9.14 -0.40 0.01
C GLY A 47 9.08 -1.80 -0.54
N LEU A 48 8.15 -2.02 -1.46
CA LEU A 48 7.97 -3.32 -2.11
C LEU A 48 9.15 -3.60 -3.03
N LYS A 49 9.68 -2.55 -3.62
CA LYS A 49 10.82 -2.66 -4.53
C LYS A 49 12.09 -3.08 -3.78
N ALA A 50 12.09 -2.87 -2.47
CA ALA A 50 13.25 -3.21 -1.65
C ALA A 50 13.10 -4.54 -0.91
N LEU A 51 11.95 -5.18 -1.03
CA LEU A 51 11.72 -6.45 -0.33
C LEU A 51 11.48 -7.61 -1.29
N GLY A 52 11.93 -7.48 -2.53
CA GLY A 52 11.75 -8.56 -3.48
C GLY A 52 11.02 -8.14 -4.75
N TYR A 53 10.40 -6.97 -4.74
CA TYR A 53 9.68 -6.51 -5.91
C TYR A 53 10.45 -5.41 -6.64
N TYR A 54 9.95 -5.03 -7.82
CA TYR A 54 10.57 -3.98 -8.61
C TYR A 54 9.57 -2.89 -8.92
N GLN A 55 8.38 -3.28 -9.38
CA GLN A 55 7.34 -2.32 -9.70
C GLN A 55 5.95 -2.98 -9.67
N PRO A 56 5.60 -3.63 -8.55
CA PRO A 56 4.30 -4.30 -8.38
C PRO A 56 3.13 -3.41 -8.77
N THR A 57 2.26 -3.92 -9.63
CA THR A 57 1.08 -3.17 -10.03
C THR A 57 0.14 -3.08 -8.85
N ILE A 58 0.11 -1.91 -8.22
CA ILE A 58 -0.72 -1.70 -7.05
C ILE A 58 -1.87 -0.73 -7.33
N GLU A 59 -3.09 -1.27 -7.31
CA GLU A 59 -4.29 -0.46 -7.55
C GLU A 59 -4.88 -0.01 -6.22
N PHE A 60 -5.94 0.78 -6.27
CA PHE A 60 -6.56 1.28 -5.05
C PHE A 60 -8.06 1.52 -5.21
N ASP A 61 -8.76 1.51 -4.09
CA ASP A 61 -10.20 1.74 -4.06
C ASP A 61 -10.55 2.59 -2.85
N LEU A 62 -10.63 3.91 -3.05
CA LEU A 62 -10.92 4.84 -1.98
C LEU A 62 -12.37 4.75 -1.52
N ARG A 63 -12.56 4.87 -0.21
CA ARG A 63 -13.88 4.83 0.39
C ARG A 63 -13.98 5.88 1.49
N PRO A 64 -14.45 7.08 1.13
CA PRO A 64 -14.58 8.20 2.07
C PRO A 64 -15.27 7.83 3.38
N PRO A 65 -16.25 6.90 3.36
CA PRO A 65 -17.00 6.50 4.55
C PRO A 65 -16.52 5.18 5.15
N PRO A 66 -15.37 5.17 5.84
CA PRO A 66 -14.84 3.96 6.48
C PRO A 66 -15.78 3.42 7.54
N LYS A 67 -15.40 2.30 8.13
CA LYS A 67 -16.21 1.68 9.18
C LYS A 67 -15.73 2.09 10.56
N LYS A 68 -14.42 2.26 10.70
CA LYS A 68 -13.82 2.64 11.99
C LYS A 68 -12.86 3.80 11.85
N GLY A 69 -13.12 4.69 10.91
CA GLY A 69 -12.23 5.81 10.72
C GLY A 69 -12.90 7.00 10.04
N ARG A 70 -12.10 7.82 9.37
CA ARG A 70 -12.61 9.00 8.68
C ARG A 70 -12.62 8.78 7.17
N GLN A 71 -11.50 8.29 6.65
CA GLN A 71 -11.36 8.02 5.23
C GLN A 71 -10.45 6.81 4.99
N VAL A 72 -10.92 5.84 4.22
CA VAL A 72 -10.14 4.64 3.95
C VAL A 72 -9.81 4.51 2.46
N LEU A 73 -8.65 3.95 2.19
CA LEU A 73 -8.18 3.73 0.82
C LEU A 73 -7.57 2.34 0.68
N ILE A 74 -8.19 1.49 -0.13
CA ILE A 74 -7.70 0.13 -0.34
C ILE A 74 -6.51 0.10 -1.29
N ALA A 75 -5.63 -0.88 -1.11
CA ALA A 75 -4.46 -1.02 -1.95
C ALA A 75 -4.11 -2.49 -2.21
N LYS A 76 -4.31 -2.92 -3.46
CA LYS A 76 -4.00 -4.29 -3.84
C LYS A 76 -2.76 -4.34 -4.72
N VAL A 77 -1.78 -5.16 -4.34
CA VAL A 77 -0.54 -5.26 -5.10
C VAL A 77 -0.50 -6.52 -5.97
N THR A 78 0.17 -6.41 -7.11
CA THR A 78 0.29 -7.53 -8.03
C THR A 78 1.50 -7.35 -8.96
N PRO A 79 2.70 -7.79 -8.52
CA PRO A 79 3.92 -7.66 -9.30
C PRO A 79 4.16 -8.87 -10.21
N GLY A 80 4.62 -9.97 -9.63
CA GLY A 80 4.88 -11.16 -10.42
C GLY A 80 6.01 -12.00 -9.85
N VAL A 81 7.17 -11.38 -9.68
CA VAL A 81 8.34 -12.09 -9.15
C VAL A 81 8.77 -11.52 -7.81
N LEU A 82 9.44 -12.34 -7.01
CA LEU A 82 9.93 -11.91 -5.69
C LEU A 82 11.31 -12.50 -5.42
N GLU A 83 12.12 -11.74 -4.67
CA GLU A 83 13.47 -12.19 -4.33
C GLU A 83 13.53 -12.70 -2.90
N HIS A 84 14.18 -13.83 -2.70
CA HIS A 84 14.31 -14.42 -1.38
C HIS A 84 12.94 -14.75 -0.79
N HIS A 85 12.36 -15.87 -1.22
CA HIS A 85 11.06 -16.29 -0.74
C HIS A 85 11.19 -17.14 0.52
N HIS A 86 12.16 -18.05 0.52
CA HIS A 86 12.39 -18.93 1.66
C HIS A 86 11.25 -19.91 1.84
N HIS A 87 10.09 -19.40 2.26
CA HIS A 87 8.92 -20.24 2.48
C HIS A 87 7.64 -19.47 2.16
N HIS A 88 6.50 -20.16 2.29
CA HIS A 88 5.21 -19.54 2.01
C HIS A 88 5.13 -19.07 0.56
N HIS A 89 4.62 -19.94 -0.30
CA HIS A 89 4.49 -19.62 -1.72
C HIS A 89 3.14 -18.97 -2.01
N ALA A 1 -6.58 13.36 11.96
CA ALA A 1 -6.59 12.45 10.78
C ALA A 1 -7.68 11.39 10.91
N ASN A 2 -8.68 11.48 10.04
CA ASN A 2 -9.79 10.53 10.05
C ASN A 2 -9.75 9.63 8.83
N VAL A 3 -8.57 9.08 8.53
CA VAL A 3 -8.40 8.20 7.38
C VAL A 3 -7.42 7.07 7.70
N ARG A 4 -7.62 5.92 7.05
CA ARG A 4 -6.75 4.77 7.24
C ARG A 4 -6.66 3.94 5.97
N LEU A 5 -5.46 3.81 5.44
CA LEU A 5 -5.24 3.04 4.21
C LEU A 5 -5.42 1.54 4.46
N GLN A 6 -6.13 0.88 3.56
CA GLN A 6 -6.38 -0.55 3.67
C GLN A 6 -5.35 -1.35 2.89
N VAL A 7 -5.01 -2.54 3.39
CA VAL A 7 -4.04 -3.40 2.73
C VAL A 7 -4.70 -4.59 2.07
N GLU A 8 -4.29 -4.89 0.84
CA GLU A 8 -4.84 -6.01 0.09
C GLU A 8 -3.77 -6.68 -0.76
N GLY A 9 -3.66 -8.00 -0.62
CA GLY A 9 -2.66 -8.74 -1.39
C GLY A 9 -1.30 -8.70 -0.73
N LEU A 10 -1.29 -8.86 0.59
CA LEU A 10 -0.06 -8.85 1.36
C LEU A 10 -0.11 -9.89 2.48
N SER A 11 1.05 -10.31 2.95
CA SER A 11 1.13 -11.29 4.02
C SER A 11 2.53 -11.33 4.63
N GLY A 12 2.62 -11.84 5.85
CA GLY A 12 3.90 -11.94 6.53
C GLY A 12 4.60 -10.60 6.65
N GLN A 13 5.73 -10.47 5.97
CA GLN A 13 6.51 -9.24 6.02
C GLN A 13 6.05 -8.24 4.95
N LEU A 14 5.19 -8.69 4.04
CA LEU A 14 4.69 -7.81 2.99
C LEU A 14 3.57 -6.93 3.54
N GLU A 15 2.61 -7.57 4.20
CA GLU A 15 1.49 -6.85 4.78
C GLU A 15 1.98 -5.92 5.90
N LYS A 16 3.06 -6.31 6.56
CA LYS A 16 3.63 -5.51 7.64
C LYS A 16 4.35 -4.30 7.07
N ASN A 17 5.12 -4.53 6.00
CA ASN A 17 5.86 -3.45 5.35
C ASN A 17 4.89 -2.41 4.78
N VAL A 18 3.86 -2.90 4.09
CA VAL A 18 2.87 -2.02 3.51
C VAL A 18 2.14 -1.23 4.59
N ARG A 19 1.85 -1.90 5.71
CA ARG A 19 1.18 -1.26 6.82
C ARG A 19 1.96 -0.03 7.28
N ALA A 20 3.27 -0.21 7.44
CA ALA A 20 4.13 0.89 7.86
C ALA A 20 4.04 2.04 6.85
N GLN A 21 4.14 1.70 5.57
CA GLN A 21 4.06 2.70 4.51
C GLN A 21 2.66 3.32 4.50
N LEU A 22 1.66 2.51 4.80
CA LEU A 22 0.28 2.98 4.85
C LEU A 22 0.14 4.09 5.88
N SER A 23 0.92 3.97 6.96
CA SER A 23 0.89 4.96 8.03
C SER A 23 1.88 6.10 7.77
N THR A 24 2.81 5.88 6.84
CA THR A 24 3.80 6.90 6.51
C THR A 24 3.31 7.79 5.37
N ILE A 25 2.31 7.31 4.62
CA ILE A 25 1.76 8.06 3.51
C ILE A 25 1.22 9.42 3.99
N GLU A 26 1.01 10.33 3.05
CA GLU A 26 0.50 11.66 3.35
C GLU A 26 -0.92 11.62 3.94
N SER A 27 -1.47 10.41 4.11
CA SER A 27 -2.82 10.25 4.64
C SER A 27 -2.98 10.84 6.04
N ASP A 28 -1.97 11.57 6.52
CA ASP A 28 -2.03 12.18 7.84
C ASP A 28 -2.90 13.45 7.83
N GLU A 29 -3.94 13.43 7.01
CA GLU A 29 -4.86 14.56 6.88
C GLU A 29 -4.37 15.53 5.81
N VAL A 30 -4.49 15.13 4.55
CA VAL A 30 -4.06 15.95 3.43
C VAL A 30 -5.08 15.91 2.29
N THR A 31 -4.68 16.40 1.12
CA THR A 31 -5.56 16.41 -0.04
C THR A 31 -5.22 15.25 -0.99
N PRO A 32 -5.91 14.12 -0.85
CA PRO A 32 -5.67 12.95 -1.69
C PRO A 32 -6.06 13.17 -3.15
N ASP A 33 -5.08 13.10 -4.04
CA ASP A 33 -5.30 13.29 -5.46
C ASP A 33 -4.42 12.34 -6.27
N ARG A 34 -4.50 12.45 -7.60
CA ARG A 34 -3.72 11.60 -8.49
C ARG A 34 -2.27 11.49 -8.01
N ARG A 35 -1.79 12.54 -7.35
CA ARG A 35 -0.42 12.55 -6.84
C ARG A 35 -0.31 11.75 -5.55
N PHE A 36 -1.30 11.89 -4.68
CA PHE A 36 -1.32 11.17 -3.41
C PHE A 36 -1.35 9.67 -3.70
N ARG A 37 -2.22 9.28 -4.62
CA ARG A 37 -2.36 7.89 -5.01
C ARG A 37 -1.03 7.32 -5.48
N ALA A 38 -0.29 8.11 -6.25
CA ALA A 38 1.01 7.69 -6.78
C ALA A 38 2.00 7.45 -5.65
N ARG A 39 2.04 8.38 -4.70
CA ARG A 39 2.93 8.28 -3.56
C ARG A 39 2.72 6.95 -2.81
N VAL A 40 1.46 6.64 -2.54
CA VAL A 40 1.13 5.40 -1.85
C VAL A 40 1.51 4.21 -2.70
N ASP A 41 1.26 4.31 -4.01
CA ASP A 41 1.59 3.25 -4.94
C ASP A 41 3.08 2.97 -4.92
N ASP A 42 3.87 4.04 -5.01
CA ASP A 42 5.32 3.93 -4.99
C ASP A 42 5.80 3.38 -3.66
N ALA A 43 5.26 3.92 -2.57
CA ALA A 43 5.64 3.48 -1.24
C ALA A 43 5.52 1.97 -1.11
N ILE A 44 4.36 1.43 -1.46
CA ILE A 44 4.13 0.00 -1.40
C ILE A 44 5.15 -0.75 -2.22
N ARG A 45 5.23 -0.43 -3.50
CA ARG A 45 6.17 -1.07 -4.41
C ARG A 45 7.60 -1.00 -3.89
N GLU A 46 7.94 0.14 -3.26
CA GLU A 46 9.28 0.30 -2.71
C GLU A 46 9.52 -0.72 -1.62
N GLY A 47 8.69 -0.69 -0.59
CA GLY A 47 8.82 -1.64 0.49
C GLY A 47 8.60 -3.06 -0.01
N LEU A 48 7.61 -3.19 -0.90
CA LEU A 48 7.29 -4.47 -1.51
C LEU A 48 8.45 -4.96 -2.36
N LYS A 49 9.16 -4.01 -2.95
CA LYS A 49 10.32 -4.33 -3.78
C LYS A 49 11.46 -4.87 -2.93
N ALA A 50 11.43 -4.57 -1.63
CA ALA A 50 12.48 -5.01 -0.72
C ALA A 50 12.08 -6.27 0.07
N LEU A 51 10.85 -6.73 -0.11
CA LEU A 51 10.38 -7.92 0.62
C LEU A 51 10.21 -9.12 -0.30
N GLY A 52 10.65 -8.99 -1.54
CA GLY A 52 10.53 -10.11 -2.47
C GLY A 52 9.82 -9.77 -3.76
N TYR A 53 9.42 -8.51 -3.93
CA TYR A 53 8.73 -8.10 -5.14
C TYR A 53 9.54 -7.07 -5.92
N TYR A 54 9.09 -6.77 -7.13
CA TYR A 54 9.78 -5.80 -7.97
C TYR A 54 8.86 -4.64 -8.34
N GLN A 55 7.66 -4.97 -8.81
CA GLN A 55 6.70 -3.94 -9.17
C GLN A 55 5.26 -4.44 -9.05
N PRO A 56 4.87 -4.96 -7.87
CA PRO A 56 3.51 -5.46 -7.63
C PRO A 56 2.44 -4.49 -8.09
N THR A 57 1.49 -4.97 -8.87
CA THR A 57 0.41 -4.12 -9.33
C THR A 57 -0.39 -3.62 -8.13
N ILE A 58 -0.16 -2.38 -7.74
CA ILE A 58 -0.84 -1.81 -6.59
C ILE A 58 -1.79 -0.69 -6.99
N GLU A 59 -3.09 -0.93 -6.82
CA GLU A 59 -4.11 0.04 -7.13
C GLU A 59 -4.73 0.59 -5.86
N PHE A 60 -5.67 1.52 -6.00
CA PHE A 60 -6.33 2.10 -4.83
C PHE A 60 -7.79 2.41 -5.11
N ASP A 61 -8.63 2.25 -4.09
CA ASP A 61 -10.05 2.52 -4.21
C ASP A 61 -10.46 3.59 -3.20
N LEU A 62 -10.48 4.84 -3.65
CA LEU A 62 -10.83 5.96 -2.79
C LEU A 62 -12.34 6.11 -2.64
N ARG A 63 -12.79 6.22 -1.39
CA ARG A 63 -14.20 6.39 -1.09
C ARG A 63 -14.39 7.54 -0.10
N PRO A 64 -14.57 8.77 -0.63
CA PRO A 64 -14.76 9.95 0.20
C PRO A 64 -15.78 9.78 1.33
N PRO A 65 -16.85 8.99 1.13
CA PRO A 65 -17.90 8.79 2.12
C PRO A 65 -17.77 7.47 2.89
N PRO A 66 -16.79 7.37 3.81
CA PRO A 66 -16.61 6.17 4.63
C PRO A 66 -17.80 5.87 5.52
N LYS A 67 -17.73 4.76 6.24
CA LYS A 67 -18.79 4.36 7.15
C LYS A 67 -18.50 4.82 8.57
N LYS A 68 -17.24 4.80 8.97
CA LYS A 68 -16.84 5.20 10.32
C LYS A 68 -15.71 6.19 10.31
N GLY A 69 -15.66 7.04 9.29
CA GLY A 69 -14.59 8.01 9.21
C GLY A 69 -14.93 9.20 8.33
N ARG A 70 -13.90 9.84 7.78
CA ARG A 70 -14.10 11.00 6.91
C ARG A 70 -13.85 10.62 5.46
N GLN A 71 -12.72 9.96 5.21
CA GLN A 71 -12.36 9.53 3.86
C GLN A 71 -11.56 8.22 3.92
N VAL A 72 -12.02 7.21 3.19
CA VAL A 72 -11.34 5.92 3.18
C VAL A 72 -10.63 5.67 1.84
N LEU A 73 -9.46 5.06 1.94
CA LEU A 73 -8.67 4.75 0.75
C LEU A 73 -8.10 3.33 0.85
N ILE A 74 -8.51 2.47 -0.08
CA ILE A 74 -8.05 1.08 -0.09
C ILE A 74 -6.82 0.92 -0.97
N ALA A 75 -6.00 -0.09 -0.65
CA ALA A 75 -4.78 -0.35 -1.42
C ALA A 75 -4.63 -1.85 -1.70
N LYS A 76 -4.88 -2.24 -2.95
CA LYS A 76 -4.77 -3.64 -3.35
C LYS A 76 -3.52 -3.86 -4.20
N VAL A 77 -2.74 -4.88 -3.85
CA VAL A 77 -1.51 -5.19 -4.58
C VAL A 77 -1.57 -6.59 -5.17
N THR A 78 -0.90 -6.76 -6.31
CA THR A 78 -0.87 -8.06 -6.98
C THR A 78 0.36 -8.18 -7.89
N PRO A 79 1.48 -8.70 -7.35
CA PRO A 79 2.72 -8.87 -8.10
C PRO A 79 2.79 -10.22 -8.82
N GLY A 80 3.24 -11.25 -8.12
CA GLY A 80 3.34 -12.57 -8.72
C GLY A 80 4.25 -13.51 -7.97
N VAL A 81 5.55 -13.19 -7.93
CA VAL A 81 6.53 -14.03 -7.24
C VAL A 81 7.16 -13.31 -6.06
N LEU A 82 7.53 -14.07 -5.04
CA LEU A 82 8.16 -13.51 -3.85
C LEU A 82 9.28 -14.41 -3.34
N GLU A 83 10.40 -13.81 -2.97
CA GLU A 83 11.55 -14.57 -2.47
C GLU A 83 11.59 -14.54 -0.95
N HIS A 84 11.32 -15.68 -0.33
CA HIS A 84 11.34 -15.79 1.12
C HIS A 84 12.67 -16.33 1.62
N HIS A 85 13.29 -17.20 0.82
CA HIS A 85 14.57 -17.79 1.18
C HIS A 85 15.58 -17.63 0.04
N HIS A 86 15.44 -16.54 -0.71
CA HIS A 86 16.34 -16.27 -1.82
C HIS A 86 16.27 -17.38 -2.86
N HIS A 87 16.67 -17.07 -4.09
CA HIS A 87 16.65 -18.04 -5.17
C HIS A 87 17.95 -17.99 -5.98
N HIS A 88 18.66 -19.11 -6.01
CA HIS A 88 19.93 -19.20 -6.73
C HIS A 88 19.82 -20.19 -7.88
N HIS A 89 20.93 -20.39 -8.59
CA HIS A 89 20.96 -21.32 -9.71
C HIS A 89 22.35 -21.95 -9.85
N ALA A 1 -4.63 11.38 13.10
CA ALA A 1 -5.35 10.99 11.86
C ALA A 1 -6.27 9.82 12.11
N ASN A 2 -7.50 9.92 11.62
CA ASN A 2 -8.49 8.86 11.79
C ASN A 2 -8.65 8.06 10.50
N VAL A 3 -7.53 7.69 9.90
CA VAL A 3 -7.54 6.92 8.67
C VAL A 3 -6.40 5.90 8.63
N ARG A 4 -6.63 4.79 7.95
CA ARG A 4 -5.63 3.74 7.82
C ARG A 4 -5.77 3.02 6.49
N LEU A 5 -4.67 2.97 5.73
CA LEU A 5 -4.70 2.31 4.43
C LEU A 5 -4.85 0.80 4.58
N GLN A 6 -5.51 0.18 3.61
CA GLN A 6 -5.72 -1.27 3.64
C GLN A 6 -4.70 -1.98 2.77
N VAL A 7 -4.12 -3.05 3.29
CA VAL A 7 -3.11 -3.82 2.55
C VAL A 7 -3.74 -5.01 1.84
N GLU A 8 -3.48 -5.11 0.54
CA GLU A 8 -4.01 -6.20 -0.27
C GLU A 8 -2.99 -6.69 -1.28
N GLY A 9 -2.67 -7.98 -1.21
CA GLY A 9 -1.72 -8.58 -2.14
C GLY A 9 -0.30 -8.54 -1.62
N LEU A 10 -0.12 -8.83 -0.34
CA LEU A 10 1.19 -8.84 0.28
C LEU A 10 1.30 -9.97 1.30
N SER A 11 2.53 -10.37 1.59
CA SER A 11 2.78 -11.43 2.55
C SER A 11 4.14 -11.25 3.22
N GLY A 12 4.19 -11.55 4.51
CA GLY A 12 5.43 -11.43 5.25
C GLY A 12 6.02 -10.03 5.18
N GLN A 13 7.35 -9.96 5.02
CA GLN A 13 8.06 -8.69 4.94
C GLN A 13 7.34 -7.70 4.02
N LEU A 14 6.74 -8.22 2.97
CA LEU A 14 6.01 -7.38 2.02
C LEU A 14 4.84 -6.69 2.69
N GLU A 15 3.95 -7.48 3.27
CA GLU A 15 2.79 -6.95 3.96
C GLU A 15 3.22 -5.99 5.07
N LYS A 16 4.37 -6.28 5.67
CA LYS A 16 4.91 -5.44 6.74
C LYS A 16 5.47 -4.15 6.17
N ASN A 17 6.38 -4.26 5.21
CA ASN A 17 6.99 -3.09 4.59
C ASN A 17 5.91 -2.14 4.08
N VAL A 18 4.93 -2.69 3.38
CA VAL A 18 3.83 -1.89 2.84
C VAL A 18 3.10 -1.17 3.97
N ARG A 19 2.75 -1.91 5.01
CA ARG A 19 2.04 -1.34 6.16
C ARG A 19 2.75 -0.07 6.62
N ALA A 20 4.08 -0.11 6.63
CA ALA A 20 4.88 1.04 7.04
C ALA A 20 4.65 2.20 6.08
N GLN A 21 4.75 1.92 4.78
CA GLN A 21 4.53 2.94 3.77
C GLN A 21 3.10 3.44 3.84
N LEU A 22 2.18 2.53 4.15
CA LEU A 22 0.76 2.85 4.25
C LEU A 22 0.52 3.86 5.37
N SER A 23 1.32 3.77 6.42
CA SER A 23 1.19 4.67 7.56
C SER A 23 1.86 6.02 7.27
N THR A 24 2.88 6.00 6.42
CA THR A 24 3.61 7.21 6.08
C THR A 24 2.90 8.00 4.97
N ILE A 25 1.98 7.34 4.26
CA ILE A 25 1.24 7.99 3.17
C ILE A 25 0.75 9.39 3.58
N GLU A 26 0.41 10.19 2.58
CA GLU A 26 -0.08 11.55 2.81
C GLU A 26 -1.47 11.55 3.44
N SER A 27 -2.03 10.37 3.69
CA SER A 27 -3.36 10.24 4.27
C SER A 27 -3.44 10.84 5.68
N ASP A 28 -2.40 11.55 6.11
CA ASP A 28 -2.38 12.18 7.42
C ASP A 28 -3.30 13.40 7.48
N GLU A 29 -4.42 13.34 6.75
CA GLU A 29 -5.39 14.43 6.70
C GLU A 29 -5.03 15.42 5.59
N VAL A 30 -5.12 14.96 4.35
CA VAL A 30 -4.81 15.81 3.20
C VAL A 30 -5.90 15.70 2.14
N THR A 31 -5.62 16.22 0.96
CA THR A 31 -6.59 16.18 -0.15
C THR A 31 -6.25 15.06 -1.13
N PRO A 32 -6.89 13.88 -0.96
CA PRO A 32 -6.64 12.73 -1.84
C PRO A 32 -7.11 12.98 -3.27
N ASP A 33 -6.16 12.97 -4.21
CA ASP A 33 -6.47 13.19 -5.62
C ASP A 33 -5.52 12.39 -6.50
N ARG A 34 -5.67 12.54 -7.82
CA ARG A 34 -4.84 11.83 -8.77
C ARG A 34 -3.36 11.84 -8.35
N ARG A 35 -2.97 12.89 -7.64
CA ARG A 35 -1.59 13.01 -7.18
C ARG A 35 -1.35 12.14 -5.95
N PHE A 36 -2.34 12.09 -5.07
CA PHE A 36 -2.25 11.28 -3.86
C PHE A 36 -2.17 9.81 -4.25
N ARG A 37 -3.02 9.44 -5.21
CA ARG A 37 -3.07 8.08 -5.72
C ARG A 37 -1.69 7.60 -6.16
N ALA A 38 -1.12 8.28 -7.14
CA ALA A 38 0.20 7.92 -7.66
C ALA A 38 1.25 7.91 -6.55
N ARG A 39 1.19 8.91 -5.67
CA ARG A 39 2.14 9.01 -4.57
C ARG A 39 2.14 7.73 -3.74
N VAL A 40 0.96 7.19 -3.50
CA VAL A 40 0.81 5.96 -2.73
C VAL A 40 1.31 4.76 -3.53
N ASP A 41 0.84 4.65 -4.76
CA ASP A 41 1.23 3.54 -5.63
C ASP A 41 2.74 3.50 -5.81
N ASP A 42 3.35 4.67 -5.87
CA ASP A 42 4.79 4.77 -6.04
C ASP A 42 5.51 4.28 -4.79
N ALA A 43 5.08 4.77 -3.63
CA ALA A 43 5.69 4.37 -2.36
C ALA A 43 5.64 2.85 -2.21
N ILE A 44 4.45 2.27 -2.24
CA ILE A 44 4.30 0.83 -2.12
C ILE A 44 5.24 0.12 -3.08
N ARG A 45 5.12 0.46 -4.36
CA ARG A 45 5.96 -0.12 -5.38
C ARG A 45 7.45 0.08 -5.04
N GLU A 46 7.75 1.19 -4.37
CA GLU A 46 9.11 1.49 -3.98
C GLU A 46 9.61 0.43 -3.01
N GLY A 47 8.93 0.33 -1.87
CA GLY A 47 9.30 -0.67 -0.90
C GLY A 47 9.07 -2.07 -1.44
N LEU A 48 7.93 -2.25 -2.08
CA LEU A 48 7.57 -3.53 -2.70
C LEU A 48 8.64 -3.95 -3.68
N LYS A 49 9.20 -2.96 -4.37
CA LYS A 49 10.24 -3.22 -5.36
C LYS A 49 11.52 -3.71 -4.68
N ALA A 50 11.71 -3.30 -3.43
CA ALA A 50 12.88 -3.68 -2.66
C ALA A 50 12.69 -5.00 -1.91
N LEU A 51 11.49 -5.57 -1.98
CA LEU A 51 11.22 -6.83 -1.27
C LEU A 51 10.91 -7.97 -2.23
N GLY A 52 11.30 -7.82 -3.49
CA GLY A 52 11.05 -8.88 -4.47
C GLY A 52 10.30 -8.42 -5.69
N TYR A 53 9.71 -7.23 -5.64
CA TYR A 53 8.95 -6.72 -6.77
C TYR A 53 9.74 -5.71 -7.58
N TYR A 54 9.19 -5.32 -8.73
CA TYR A 54 9.83 -4.36 -9.61
C TYR A 54 8.89 -3.19 -9.91
N GLN A 55 7.63 -3.50 -10.18
CA GLN A 55 6.65 -2.47 -10.47
C GLN A 55 5.22 -2.99 -10.30
N PRO A 56 4.88 -3.55 -9.12
CA PRO A 56 3.55 -4.08 -8.85
C PRO A 56 2.45 -3.05 -9.09
N THR A 57 1.40 -3.46 -9.80
CA THR A 57 0.28 -2.57 -10.05
C THR A 57 -0.53 -2.41 -8.78
N ILE A 58 -0.37 -1.26 -8.12
CA ILE A 58 -1.07 -1.00 -6.88
C ILE A 58 -2.12 0.08 -7.03
N GLU A 59 -3.39 -0.34 -6.99
CA GLU A 59 -4.51 0.58 -7.12
C GLU A 59 -5.11 0.87 -5.75
N PHE A 60 -6.04 1.81 -5.69
CA PHE A 60 -6.66 2.17 -4.43
C PHE A 60 -8.15 2.49 -4.59
N ASP A 61 -8.92 2.16 -3.56
CA ASP A 61 -10.36 2.43 -3.56
C ASP A 61 -10.74 3.25 -2.34
N LEU A 62 -10.90 4.56 -2.53
CA LEU A 62 -11.24 5.46 -1.45
C LEU A 62 -12.68 5.30 -0.99
N ARG A 63 -12.89 5.56 0.30
CA ARG A 63 -14.22 5.47 0.92
C ARG A 63 -14.40 6.60 1.92
N PRO A 64 -14.71 7.80 1.44
CA PRO A 64 -14.92 8.98 2.29
C PRO A 64 -15.78 8.68 3.52
N PRO A 65 -16.83 7.85 3.39
CA PRO A 65 -17.73 7.53 4.47
C PRO A 65 -17.49 6.14 5.08
N PRO A 66 -16.35 5.93 5.75
CA PRO A 66 -16.03 4.64 6.38
C PRO A 66 -16.93 4.36 7.58
N LYS A 67 -16.82 3.14 8.11
CA LYS A 67 -17.63 2.74 9.26
C LYS A 67 -16.88 2.91 10.58
N LYS A 68 -15.55 2.83 10.53
CA LYS A 68 -14.74 2.95 11.74
C LYS A 68 -13.61 3.96 11.59
N GLY A 69 -13.84 5.01 10.81
CA GLY A 69 -12.81 6.01 10.63
C GLY A 69 -13.29 7.25 9.90
N ARG A 70 -12.37 7.96 9.28
CA ARG A 70 -12.70 9.18 8.54
C ARG A 70 -12.86 8.87 7.06
N GLN A 71 -11.85 8.20 6.50
CA GLN A 71 -11.87 7.82 5.08
C GLN A 71 -11.14 6.51 4.87
N VAL A 72 -11.88 5.50 4.43
CA VAL A 72 -11.32 4.18 4.17
C VAL A 72 -10.71 4.11 2.78
N LEU A 73 -9.40 3.87 2.72
CA LEU A 73 -8.71 3.77 1.44
C LEU A 73 -7.98 2.44 1.31
N ILE A 74 -8.49 1.58 0.43
CA ILE A 74 -7.91 0.26 0.21
C ILE A 74 -6.76 0.32 -0.79
N ALA A 75 -5.82 -0.63 -0.67
CA ALA A 75 -4.67 -0.68 -1.56
C ALA A 75 -4.39 -2.11 -2.01
N LYS A 76 -4.73 -2.41 -3.26
CA LYS A 76 -4.51 -3.75 -3.81
C LYS A 76 -3.33 -3.74 -4.78
N VAL A 77 -2.38 -4.64 -4.55
CA VAL A 77 -1.20 -4.73 -5.41
C VAL A 77 -1.22 -6.00 -6.25
N THR A 78 -0.61 -5.93 -7.44
CA THR A 78 -0.56 -7.07 -8.33
C THR A 78 0.59 -6.94 -9.34
N PRO A 79 1.79 -7.45 -8.98
CA PRO A 79 2.96 -7.39 -9.82
C PRO A 79 3.08 -8.58 -10.77
N GLY A 80 3.51 -9.72 -10.21
CA GLY A 80 3.66 -10.92 -11.02
C GLY A 80 4.73 -11.85 -10.46
N VAL A 81 5.96 -11.36 -10.36
CA VAL A 81 7.07 -12.15 -9.85
C VAL A 81 7.61 -11.57 -8.54
N LEU A 82 8.27 -12.42 -7.75
CA LEU A 82 8.84 -11.99 -6.49
C LEU A 82 10.20 -12.65 -6.26
N GLU A 83 11.22 -11.83 -6.00
CA GLU A 83 12.56 -12.34 -5.76
C GLU A 83 12.73 -12.79 -4.32
N HIS A 84 12.84 -14.10 -4.12
CA HIS A 84 13.00 -14.65 -2.77
C HIS A 84 13.86 -15.91 -2.81
N HIS A 85 14.45 -16.25 -1.67
CA HIS A 85 15.30 -17.44 -1.56
C HIS A 85 15.25 -18.01 -0.16
N HIS A 86 15.75 -19.24 -0.01
CA HIS A 86 15.77 -19.91 1.28
C HIS A 86 14.35 -20.09 1.82
N HIS A 87 13.68 -21.15 1.39
CA HIS A 87 12.33 -21.42 1.82
C HIS A 87 12.30 -21.88 3.28
N HIS A 88 12.26 -20.92 4.20
CA HIS A 88 12.23 -21.22 5.63
C HIS A 88 10.80 -21.34 6.14
N HIS A 89 10.62 -22.11 7.21
CA HIS A 89 9.30 -22.29 7.79
C HIS A 89 9.06 -21.29 8.93
N ALA A 1 -6.39 12.57 8.59
CA ALA A 1 -7.30 12.63 9.75
C ALA A 1 -8.17 11.37 9.84
N ASN A 2 -7.76 10.43 10.68
CA ASN A 2 -8.49 9.19 10.87
C ASN A 2 -8.60 8.43 9.54
N VAL A 3 -7.53 7.75 9.17
CA VAL A 3 -7.51 6.98 7.93
C VAL A 3 -6.63 5.75 8.06
N ARG A 4 -6.96 4.72 7.28
CA ARG A 4 -6.21 3.47 7.31
C ARG A 4 -6.23 2.79 5.95
N LEU A 5 -5.06 2.44 5.43
CA LEU A 5 -4.95 1.78 4.14
C LEU A 5 -5.24 0.29 4.27
N GLN A 6 -6.26 -0.17 3.54
CA GLN A 6 -6.63 -1.58 3.56
C GLN A 6 -5.64 -2.42 2.78
N VAL A 7 -5.13 -3.48 3.41
CA VAL A 7 -4.16 -4.36 2.78
C VAL A 7 -4.85 -5.42 1.92
N GLU A 8 -4.65 -5.33 0.60
CA GLU A 8 -5.25 -6.28 -0.32
C GLU A 8 -4.22 -6.80 -1.32
N GLY A 9 -4.06 -8.12 -1.36
CA GLY A 9 -3.11 -8.73 -2.29
C GLY A 9 -1.70 -8.78 -1.74
N LEU A 10 -1.59 -9.04 -0.44
CA LEU A 10 -0.30 -9.14 0.22
C LEU A 10 -0.29 -10.28 1.22
N SER A 11 0.89 -10.79 1.54
CA SER A 11 1.03 -11.89 2.47
C SER A 11 2.47 -12.05 2.94
N GLY A 12 2.71 -13.03 3.79
CA GLY A 12 4.06 -13.28 4.29
C GLY A 12 4.75 -12.01 4.74
N GLN A 13 5.76 -11.59 3.99
CA GLN A 13 6.50 -10.38 4.29
C GLN A 13 5.96 -9.19 3.51
N LEU A 14 5.29 -9.47 2.40
CA LEU A 14 4.72 -8.43 1.55
C LEU A 14 3.73 -7.57 2.34
N GLU A 15 2.72 -8.21 2.90
CA GLU A 15 1.70 -7.51 3.68
C GLU A 15 2.35 -6.70 4.81
N LYS A 16 3.45 -7.22 5.34
CA LYS A 16 4.17 -6.54 6.42
C LYS A 16 4.89 -5.31 5.89
N ASN A 17 5.63 -5.50 4.79
CA ASN A 17 6.36 -4.39 4.18
C ASN A 17 5.40 -3.28 3.78
N VAL A 18 4.30 -3.68 3.13
CA VAL A 18 3.29 -2.73 2.72
C VAL A 18 2.73 -1.97 3.91
N ARG A 19 2.58 -2.70 5.03
CA ARG A 19 2.07 -2.10 6.26
C ARG A 19 2.96 -0.93 6.67
N ALA A 20 4.27 -1.14 6.63
CA ALA A 20 5.22 -0.10 6.98
C ALA A 20 5.00 1.11 6.08
N GLN A 21 4.78 0.83 4.79
CA GLN A 21 4.53 1.88 3.82
C GLN A 21 3.18 2.53 4.09
N LEU A 22 2.22 1.72 4.57
CA LEU A 22 0.89 2.20 4.89
C LEU A 22 0.97 3.28 5.97
N SER A 23 1.94 3.15 6.86
CA SER A 23 2.12 4.10 7.94
C SER A 23 2.89 5.32 7.47
N THR A 24 3.81 5.13 6.54
CA THR A 24 4.63 6.23 6.03
C THR A 24 3.88 7.04 4.96
N ILE A 25 2.74 6.53 4.50
CA ILE A 25 1.95 7.23 3.48
C ILE A 25 1.71 8.69 3.88
N GLU A 26 1.34 9.51 2.90
CA GLU A 26 1.08 10.92 3.14
C GLU A 26 -0.23 11.13 3.90
N SER A 27 -0.92 10.05 4.23
CA SER A 27 -2.18 10.12 4.95
C SER A 27 -2.03 10.70 6.37
N ASP A 28 -0.85 11.23 6.68
CA ASP A 28 -0.59 11.82 7.99
C ASP A 28 -1.27 13.18 8.14
N GLU A 29 -2.45 13.33 7.52
CA GLU A 29 -3.21 14.57 7.56
C GLU A 29 -2.79 15.50 6.42
N VAL A 30 -3.14 15.12 5.20
CA VAL A 30 -2.81 15.91 4.02
C VAL A 30 -4.01 16.01 3.07
N THR A 31 -3.75 16.46 1.84
CA THR A 31 -4.80 16.61 0.85
C THR A 31 -4.65 15.55 -0.25
N PRO A 32 -5.39 14.43 -0.15
CA PRO A 32 -5.32 13.35 -1.14
C PRO A 32 -5.57 13.85 -2.56
N ASP A 33 -4.55 13.70 -3.41
CA ASP A 33 -4.64 14.12 -4.80
C ASP A 33 -3.81 13.22 -5.69
N ARG A 34 -3.77 13.53 -6.99
CA ARG A 34 -3.02 12.74 -7.95
C ARG A 34 -1.61 12.45 -7.43
N ARG A 35 -1.09 13.35 -6.60
CA ARG A 35 0.25 13.19 -6.04
C ARG A 35 0.23 12.20 -4.88
N PHE A 36 -0.82 12.27 -4.06
CA PHE A 36 -0.97 11.36 -2.93
C PHE A 36 -1.09 9.94 -3.45
N ARG A 37 -1.94 9.78 -4.46
CA ARG A 37 -2.17 8.50 -5.08
C ARG A 37 -0.86 7.85 -5.51
N ALA A 38 -0.12 8.54 -6.38
CA ALA A 38 1.16 8.03 -6.88
C ALA A 38 2.10 7.72 -5.73
N ARG A 39 2.15 8.60 -4.73
CA ARG A 39 3.02 8.40 -3.58
C ARG A 39 2.75 7.06 -2.91
N VAL A 40 1.47 6.76 -2.71
CA VAL A 40 1.06 5.50 -2.09
C VAL A 40 1.34 4.34 -3.03
N ASP A 41 1.01 4.51 -4.29
CA ASP A 41 1.23 3.47 -5.29
C ASP A 41 2.71 3.15 -5.43
N ASP A 42 3.53 4.20 -5.41
CA ASP A 42 4.97 4.03 -5.52
C ASP A 42 5.54 3.41 -4.26
N ALA A 43 5.03 3.83 -3.10
CA ALA A 43 5.47 3.31 -1.82
C ALA A 43 5.35 1.79 -1.78
N ILE A 44 4.14 1.30 -2.03
CA ILE A 44 3.87 -0.13 -2.03
C ILE A 44 4.79 -0.84 -3.02
N ARG A 45 4.73 -0.42 -4.27
CA ARG A 45 5.55 -1.01 -5.32
C ARG A 45 7.03 -1.00 -4.94
N GLU A 46 7.46 0.05 -4.25
CA GLU A 46 8.85 0.15 -3.84
C GLU A 46 9.19 -0.99 -2.88
N GLY A 47 8.47 -1.05 -1.77
CA GLY A 47 8.68 -2.12 -0.81
C GLY A 47 8.37 -3.46 -1.44
N LEU A 48 7.28 -3.48 -2.21
CA LEU A 48 6.85 -4.69 -2.90
C LEU A 48 7.91 -5.10 -3.91
N LYS A 49 8.60 -4.12 -4.47
CA LYS A 49 9.65 -4.37 -5.45
C LYS A 49 10.85 -5.03 -4.78
N ALA A 50 10.98 -4.85 -3.47
CA ALA A 50 12.10 -5.40 -2.72
C ALA A 50 11.73 -6.72 -2.01
N LEU A 51 10.47 -7.12 -2.10
CA LEU A 51 10.03 -8.37 -1.45
C LEU A 51 9.73 -9.47 -2.45
N GLY A 52 10.07 -9.24 -3.71
CA GLY A 52 9.83 -10.25 -4.73
C GLY A 52 9.01 -9.76 -5.91
N TYR A 53 8.63 -8.49 -5.90
CA TYR A 53 7.84 -7.94 -7.00
C TYR A 53 8.59 -6.86 -7.75
N TYR A 54 8.03 -6.41 -8.87
CA TYR A 54 8.65 -5.38 -9.68
C TYR A 54 7.72 -4.18 -9.82
N GLN A 55 6.50 -4.43 -10.28
CA GLN A 55 5.52 -3.36 -10.46
C GLN A 55 4.10 -3.87 -10.22
N PRO A 56 3.83 -4.48 -9.05
CA PRO A 56 2.50 -4.99 -8.71
C PRO A 56 1.41 -3.97 -8.96
N THR A 57 0.36 -4.36 -9.69
CA THR A 57 -0.74 -3.45 -9.97
C THR A 57 -1.43 -3.10 -8.65
N ILE A 58 -1.16 -1.91 -8.16
CA ILE A 58 -1.73 -1.45 -6.91
C ILE A 58 -2.71 -0.31 -7.12
N GLU A 59 -4.00 -0.61 -6.96
CA GLU A 59 -5.05 0.37 -7.14
C GLU A 59 -5.48 0.95 -5.78
N PHE A 60 -6.20 2.06 -5.82
CA PHE A 60 -6.66 2.70 -4.60
C PHE A 60 -8.12 3.14 -4.71
N ASP A 61 -8.89 2.81 -3.68
CA ASP A 61 -10.30 3.18 -3.62
C ASP A 61 -10.57 3.97 -2.35
N LEU A 62 -10.54 5.29 -2.46
CA LEU A 62 -10.76 6.16 -1.31
C LEU A 62 -12.19 6.67 -1.26
N ARG A 63 -12.69 6.86 -0.04
CA ARG A 63 -14.04 7.35 0.17
C ARG A 63 -14.06 8.35 1.32
N PRO A 64 -14.12 9.65 1.00
CA PRO A 64 -14.14 10.72 2.00
C PRO A 64 -15.16 10.48 3.12
N PRO A 65 -16.33 9.89 2.81
CA PRO A 65 -17.39 9.63 3.77
C PRO A 65 -17.48 8.17 4.21
N PRO A 66 -16.48 7.67 4.97
CA PRO A 66 -16.47 6.29 5.45
C PRO A 66 -17.64 6.01 6.40
N LYS A 67 -17.76 4.75 6.82
CA LYS A 67 -18.85 4.36 7.71
C LYS A 67 -18.40 4.34 9.17
N LYS A 68 -17.11 4.09 9.40
CA LYS A 68 -16.59 4.01 10.77
C LYS A 68 -15.36 4.88 10.97
N GLY A 69 -15.27 5.99 10.26
CA GLY A 69 -14.13 6.85 10.40
C GLY A 69 -14.28 8.18 9.72
N ARG A 70 -13.16 8.81 9.37
CA ARG A 70 -13.16 10.10 8.70
C ARG A 70 -12.98 9.92 7.20
N GLN A 71 -11.97 9.15 6.83
CA GLN A 71 -11.67 8.87 5.42
C GLN A 71 -11.09 7.48 5.27
N VAL A 72 -11.62 6.73 4.31
CA VAL A 72 -11.15 5.37 4.08
C VAL A 72 -10.47 5.25 2.72
N LEU A 73 -9.35 4.53 2.69
CA LEU A 73 -8.61 4.32 1.45
C LEU A 73 -8.18 2.86 1.33
N ILE A 74 -8.63 2.19 0.27
CA ILE A 74 -8.28 0.80 0.07
C ILE A 74 -7.07 0.66 -0.85
N ALA A 75 -6.28 -0.39 -0.62
CA ALA A 75 -5.08 -0.65 -1.41
C ALA A 75 -5.05 -2.09 -1.90
N LYS A 76 -5.41 -2.28 -3.17
CA LYS A 76 -5.41 -3.62 -3.76
C LYS A 76 -4.25 -3.80 -4.71
N VAL A 77 -3.34 -4.71 -4.37
CA VAL A 77 -2.17 -4.97 -5.20
C VAL A 77 -2.29 -6.32 -5.92
N THR A 78 -1.76 -6.38 -7.13
CA THR A 78 -1.80 -7.61 -7.92
C THR A 78 -0.68 -7.64 -8.95
N PRO A 79 0.49 -8.21 -8.57
CA PRO A 79 1.65 -8.31 -9.44
C PRO A 79 1.62 -9.58 -10.30
N GLY A 80 2.09 -10.70 -9.74
CA GLY A 80 2.11 -11.94 -10.50
C GLY A 80 3.05 -12.98 -9.90
N VAL A 81 4.34 -12.71 -9.96
CA VAL A 81 5.34 -13.64 -9.43
C VAL A 81 6.11 -13.03 -8.26
N LEU A 82 6.59 -13.90 -7.37
CA LEU A 82 7.36 -13.46 -6.21
C LEU A 82 8.64 -14.27 -6.05
N GLU A 83 9.76 -13.57 -5.91
CA GLU A 83 11.05 -14.23 -5.74
C GLU A 83 11.20 -14.80 -4.34
N HIS A 84 11.82 -15.97 -4.25
CA HIS A 84 12.03 -16.63 -2.96
C HIS A 84 13.07 -17.74 -3.08
N HIS A 85 14.30 -17.44 -2.66
CA HIS A 85 15.38 -18.41 -2.72
C HIS A 85 16.38 -18.18 -1.60
N HIS A 86 16.78 -16.93 -1.41
CA HIS A 86 17.73 -16.57 -0.37
C HIS A 86 17.32 -15.28 0.33
N HIS A 87 17.18 -15.34 1.65
CA HIS A 87 16.78 -14.17 2.43
C HIS A 87 17.74 -13.95 3.61
N HIS A 88 17.47 -12.92 4.39
CA HIS A 88 18.31 -12.60 5.54
C HIS A 88 17.96 -13.49 6.73
N HIS A 89 18.55 -14.69 6.76
CA HIS A 89 18.30 -15.63 7.84
C HIS A 89 18.97 -15.17 9.14
N ALA A 1 -6.38 12.96 11.75
CA ALA A 1 -5.71 11.99 10.85
C ALA A 1 -6.31 10.59 11.02
N ASN A 2 -7.63 10.53 11.10
CA ASN A 2 -8.32 9.25 11.27
C ASN A 2 -8.42 8.51 9.94
N VAL A 3 -7.31 7.92 9.51
CA VAL A 3 -7.27 7.19 8.25
C VAL A 3 -6.28 6.03 8.32
N ARG A 4 -6.56 4.98 7.56
CA ARG A 4 -5.68 3.81 7.52
C ARG A 4 -5.74 3.14 6.16
N LEU A 5 -4.58 3.03 5.51
CA LEU A 5 -4.50 2.41 4.19
C LEU A 5 -4.79 0.91 4.28
N GLN A 6 -5.65 0.44 3.38
CA GLN A 6 -6.00 -0.98 3.36
C GLN A 6 -5.09 -1.75 2.42
N VAL A 7 -4.66 -2.93 2.86
CA VAL A 7 -3.77 -3.77 2.06
C VAL A 7 -4.54 -4.90 1.39
N GLU A 8 -4.29 -5.10 0.10
CA GLU A 8 -4.94 -6.15 -0.66
C GLU A 8 -3.98 -6.77 -1.66
N GLY A 9 -3.80 -8.08 -1.57
CA GLY A 9 -2.90 -8.78 -2.48
C GLY A 9 -1.48 -8.88 -1.93
N LEU A 10 -1.39 -9.17 -0.64
CA LEU A 10 -0.10 -9.29 0.02
C LEU A 10 -0.12 -10.42 1.04
N SER A 11 1.06 -10.91 1.41
CA SER A 11 1.16 -12.00 2.39
C SER A 11 2.59 -12.12 2.91
N GLY A 12 2.79 -13.06 3.84
CA GLY A 12 4.11 -13.28 4.41
C GLY A 12 4.79 -11.99 4.83
N GLN A 13 5.86 -11.64 4.11
CA GLN A 13 6.60 -10.42 4.40
C GLN A 13 6.11 -9.26 3.55
N LEU A 14 5.46 -9.59 2.43
CA LEU A 14 4.94 -8.58 1.53
C LEU A 14 3.93 -7.69 2.24
N GLU A 15 2.89 -8.32 2.80
CA GLU A 15 1.85 -7.60 3.51
C GLU A 15 2.46 -6.72 4.61
N LYS A 16 3.59 -7.15 5.15
CA LYS A 16 4.28 -6.40 6.19
C LYS A 16 4.96 -5.17 5.60
N ASN A 17 5.78 -5.39 4.57
CA ASN A 17 6.48 -4.29 3.92
C ASN A 17 5.50 -3.22 3.45
N VAL A 18 4.44 -3.66 2.78
CA VAL A 18 3.42 -2.73 2.30
C VAL A 18 2.82 -1.96 3.46
N ARG A 19 2.53 -2.66 4.56
CA ARG A 19 1.97 -2.03 5.74
C ARG A 19 2.84 -0.86 6.18
N ALA A 20 4.15 -1.04 6.06
CA ALA A 20 5.09 0.01 6.43
C ALA A 20 4.91 1.22 5.52
N GLN A 21 4.90 0.97 4.21
CA GLN A 21 4.71 2.03 3.24
C GLN A 21 3.36 2.70 3.45
N LEU A 22 2.38 1.90 3.89
CA LEU A 22 1.04 2.40 4.15
C LEU A 22 1.07 3.48 5.22
N SER A 23 1.83 3.23 6.29
CA SER A 23 1.95 4.18 7.39
C SER A 23 2.90 5.31 7.04
N THR A 24 3.72 5.12 6.01
CA THR A 24 4.67 6.14 5.59
C THR A 24 4.00 7.19 4.71
N ILE A 25 2.92 6.77 4.02
CA ILE A 25 2.20 7.68 3.14
C ILE A 25 1.80 8.97 3.85
N GLU A 26 1.50 9.99 3.06
CA GLU A 26 1.10 11.29 3.58
C GLU A 26 -0.27 11.26 4.24
N SER A 27 -0.88 10.08 4.30
CA SER A 27 -2.20 9.91 4.90
C SER A 27 -2.25 10.42 6.34
N ASP A 28 -1.20 11.11 6.79
CA ASP A 28 -1.15 11.65 8.14
C ASP A 28 -1.99 12.94 8.25
N GLU A 29 -3.10 12.98 7.50
CA GLU A 29 -3.99 14.14 7.47
C GLU A 29 -3.53 15.15 6.42
N VAL A 30 -3.78 14.82 5.15
CA VAL A 30 -3.40 15.68 4.05
C VAL A 30 -4.49 15.71 2.98
N THR A 31 -4.16 16.24 1.80
CA THR A 31 -5.11 16.32 0.70
C THR A 31 -4.90 15.16 -0.28
N PRO A 32 -5.74 14.11 -0.20
CA PRO A 32 -5.63 12.95 -1.09
C PRO A 32 -6.13 13.24 -2.51
N ASP A 33 -5.21 13.14 -3.47
CA ASP A 33 -5.53 13.38 -4.87
C ASP A 33 -4.68 12.48 -5.77
N ARG A 34 -4.85 12.65 -7.08
CA ARG A 34 -4.09 11.85 -8.05
C ARG A 34 -2.62 11.77 -7.68
N ARG A 35 -2.13 12.81 -6.99
CA ARG A 35 -0.74 12.85 -6.56
C ARG A 35 -0.52 11.98 -5.33
N PHE A 36 -1.48 12.02 -4.41
CA PHE A 36 -1.41 11.21 -3.21
C PHE A 36 -1.39 9.74 -3.58
N ARG A 37 -2.30 9.38 -4.47
CA ARG A 37 -2.41 8.03 -4.96
C ARG A 37 -1.06 7.51 -5.46
N ALA A 38 -0.40 8.32 -6.28
CA ALA A 38 0.90 7.95 -6.83
C ALA A 38 1.92 7.68 -5.72
N ARG A 39 1.94 8.57 -4.73
CA ARG A 39 2.86 8.43 -3.60
C ARG A 39 2.71 7.07 -2.96
N VAL A 40 1.47 6.66 -2.71
CA VAL A 40 1.20 5.37 -2.11
C VAL A 40 1.56 4.25 -3.08
N ASP A 41 1.13 4.40 -4.33
CA ASP A 41 1.42 3.41 -5.36
C ASP A 41 2.92 3.16 -5.44
N ASP A 42 3.68 4.25 -5.44
CA ASP A 42 5.13 4.16 -5.49
C ASP A 42 5.68 3.52 -4.23
N ALA A 43 5.09 3.87 -3.10
CA ALA A 43 5.50 3.33 -1.82
C ALA A 43 5.44 1.81 -1.82
N ILE A 44 4.24 1.26 -2.04
CA ILE A 44 4.06 -0.19 -2.08
C ILE A 44 5.02 -0.82 -3.08
N ARG A 45 4.95 -0.36 -4.32
CA ARG A 45 5.81 -0.87 -5.37
C ARG A 45 7.27 -0.91 -4.94
N GLU A 46 7.69 0.11 -4.20
CA GLU A 46 9.06 0.18 -3.71
C GLU A 46 9.36 -1.01 -2.82
N GLY A 47 8.59 -1.13 -1.73
CA GLY A 47 8.77 -2.26 -0.84
C GLY A 47 8.51 -3.56 -1.56
N LEU A 48 7.43 -3.57 -2.35
CA LEU A 48 7.05 -4.74 -3.12
C LEU A 48 8.15 -5.09 -4.12
N LYS A 49 8.85 -4.06 -4.59
CA LYS A 49 9.93 -4.25 -5.53
C LYS A 49 11.12 -4.95 -4.87
N ALA A 50 11.19 -4.84 -3.55
CA ALA A 50 12.29 -5.43 -2.78
C ALA A 50 11.91 -6.76 -2.14
N LEU A 51 10.66 -7.17 -2.25
CA LEU A 51 10.21 -8.43 -1.64
C LEU A 51 9.90 -9.51 -2.67
N GLY A 52 10.30 -9.28 -3.91
CA GLY A 52 10.05 -10.26 -4.96
C GLY A 52 9.30 -9.72 -6.15
N TYR A 53 8.73 -8.53 -6.02
CA TYR A 53 7.98 -7.94 -7.10
C TYR A 53 8.77 -6.84 -7.78
N TYR A 54 8.25 -6.34 -8.91
CA TYR A 54 8.92 -5.29 -9.66
C TYR A 54 8.04 -4.05 -9.75
N GLN A 55 6.85 -4.21 -10.33
CA GLN A 55 5.93 -3.10 -10.47
C GLN A 55 4.47 -3.55 -10.34
N PRO A 56 4.13 -4.25 -9.24
CA PRO A 56 2.77 -4.73 -9.00
C PRO A 56 1.72 -3.65 -9.20
N THR A 57 0.67 -3.97 -9.96
CA THR A 57 -0.39 -3.00 -10.18
C THR A 57 -1.12 -2.74 -8.86
N ILE A 58 -0.84 -1.60 -8.26
CA ILE A 58 -1.44 -1.25 -6.99
C ILE A 58 -2.38 -0.06 -7.12
N GLU A 59 -3.68 -0.35 -7.13
CA GLU A 59 -4.70 0.67 -7.25
C GLU A 59 -5.20 1.08 -5.87
N PHE A 60 -5.99 2.15 -5.81
CA PHE A 60 -6.52 2.62 -4.54
C PHE A 60 -7.95 3.11 -4.66
N ASP A 61 -8.75 2.79 -3.64
CA ASP A 61 -10.14 3.20 -3.60
C ASP A 61 -10.43 3.92 -2.29
N LEU A 62 -10.35 5.25 -2.32
CA LEU A 62 -10.57 6.06 -1.14
C LEU A 62 -12.04 6.46 -1.00
N ARG A 63 -12.52 6.48 0.23
CA ARG A 63 -13.90 6.86 0.51
C ARG A 63 -13.93 7.87 1.66
N PRO A 64 -13.93 9.17 1.34
CA PRO A 64 -13.97 10.24 2.34
C PRO A 64 -15.02 10.02 3.43
N PRO A 65 -16.20 9.43 3.10
CA PRO A 65 -17.27 9.21 4.05
C PRO A 65 -17.34 7.78 4.58
N PRO A 66 -16.38 7.37 5.44
CA PRO A 66 -16.38 6.02 6.02
C PRO A 66 -17.57 5.77 6.91
N LYS A 67 -17.67 4.56 7.44
CA LYS A 67 -18.76 4.17 8.31
C LYS A 67 -18.38 4.34 9.79
N LYS A 68 -17.12 4.07 10.10
CA LYS A 68 -16.65 4.16 11.48
C LYS A 68 -15.38 4.97 11.61
N GLY A 69 -15.21 5.97 10.76
CA GLY A 69 -14.02 6.78 10.82
C GLY A 69 -14.17 8.13 10.13
N ARG A 70 -13.04 8.70 9.73
CA ARG A 70 -13.04 9.99 9.05
C ARG A 70 -12.91 9.81 7.55
N GLN A 71 -11.88 9.09 7.13
CA GLN A 71 -11.65 8.83 5.71
C GLN A 71 -10.99 7.46 5.51
N VAL A 72 -11.61 6.61 4.70
CA VAL A 72 -11.09 5.28 4.45
C VAL A 72 -10.39 5.20 3.09
N LEU A 73 -9.31 4.44 3.05
CA LEU A 73 -8.53 4.26 1.82
C LEU A 73 -8.16 2.79 1.63
N ILE A 74 -8.40 2.27 0.43
CA ILE A 74 -8.08 0.88 0.13
C ILE A 74 -6.95 0.79 -0.90
N ALA A 75 -6.20 -0.31 -0.86
CA ALA A 75 -5.10 -0.51 -1.79
C ALA A 75 -4.98 -1.97 -2.21
N LYS A 76 -5.25 -2.24 -3.48
CA LYS A 76 -5.17 -3.60 -4.01
C LYS A 76 -3.99 -3.73 -4.98
N VAL A 77 -3.14 -4.72 -4.73
CA VAL A 77 -1.96 -4.95 -5.58
C VAL A 77 -2.13 -6.20 -6.43
N THR A 78 -1.59 -6.15 -7.65
CA THR A 78 -1.67 -7.29 -8.57
C THR A 78 -0.51 -7.26 -9.57
N PRO A 79 0.62 -7.89 -9.22
CA PRO A 79 1.79 -7.94 -10.08
C PRO A 79 1.78 -9.14 -11.04
N GLY A 80 2.21 -10.30 -10.54
CA GLY A 80 2.24 -11.50 -11.37
C GLY A 80 3.27 -12.51 -10.90
N VAL A 81 4.54 -12.10 -10.83
CA VAL A 81 5.61 -12.99 -10.39
C VAL A 81 6.24 -12.51 -9.09
N LEU A 82 6.85 -13.44 -8.36
CA LEU A 82 7.53 -13.12 -7.11
C LEU A 82 8.82 -13.91 -6.96
N GLU A 83 9.89 -13.21 -6.61
CA GLU A 83 11.20 -13.85 -6.43
C GLU A 83 11.13 -14.93 -5.35
N HIS A 84 12.02 -15.93 -5.46
CA HIS A 84 12.06 -17.02 -4.50
C HIS A 84 13.34 -16.95 -3.67
N HIS A 85 13.51 -17.94 -2.78
CA HIS A 85 14.70 -17.99 -1.93
C HIS A 85 14.80 -16.75 -1.05
N HIS A 86 14.28 -16.86 0.16
CA HIS A 86 14.31 -15.74 1.11
C HIS A 86 14.77 -16.21 2.48
N HIS A 87 15.93 -15.70 2.91
CA HIS A 87 16.47 -16.07 4.21
C HIS A 87 16.14 -15.02 5.27
N HIS A 88 16.22 -15.39 6.53
CA HIS A 88 15.93 -14.49 7.63
C HIS A 88 16.97 -14.61 8.74
N HIS A 89 18.00 -13.75 8.69
CA HIS A 89 19.06 -13.77 9.68
C HIS A 89 18.65 -13.00 10.93
N ALA A 1 -6.99 12.91 8.58
CA ALA A 1 -7.23 12.86 10.04
C ALA A 1 -7.91 11.55 10.44
N ASN A 2 -9.12 11.33 9.92
CA ASN A 2 -9.87 10.13 10.21
C ASN A 2 -9.86 9.18 9.02
N VAL A 3 -8.68 8.96 8.46
CA VAL A 3 -8.52 8.08 7.30
C VAL A 3 -7.45 7.03 7.56
N ARG A 4 -7.60 5.87 6.92
CA ARG A 4 -6.64 4.79 7.09
C ARG A 4 -6.55 3.96 5.81
N LEU A 5 -5.33 3.79 5.32
CA LEU A 5 -5.09 3.01 4.10
C LEU A 5 -5.28 1.52 4.37
N GLN A 6 -5.95 0.83 3.45
CA GLN A 6 -6.20 -0.60 3.59
C GLN A 6 -5.21 -1.41 2.75
N VAL A 7 -4.37 -2.18 3.43
CA VAL A 7 -3.38 -3.00 2.74
C VAL A 7 -3.98 -4.34 2.31
N GLU A 8 -3.81 -4.67 1.03
CA GLU A 8 -4.32 -5.93 0.51
C GLU A 8 -3.38 -6.53 -0.52
N GLY A 9 -2.95 -7.76 -0.27
CA GLY A 9 -2.05 -8.44 -1.19
C GLY A 9 -0.61 -8.49 -0.69
N LEU A 10 -0.46 -8.68 0.61
CA LEU A 10 0.86 -8.76 1.22
C LEU A 10 0.87 -9.76 2.36
N SER A 11 2.05 -10.28 2.66
CA SER A 11 2.20 -11.26 3.73
C SER A 11 3.53 -11.06 4.46
N GLY A 12 3.49 -11.23 5.77
CA GLY A 12 4.69 -11.07 6.57
C GLY A 12 5.33 -9.70 6.41
N GLN A 13 6.66 -9.69 6.36
CA GLN A 13 7.42 -8.45 6.21
C GLN A 13 6.82 -7.55 5.14
N LEU A 14 6.24 -8.17 4.12
CA LEU A 14 5.63 -7.43 3.02
C LEU A 14 4.46 -6.60 3.53
N GLU A 15 3.49 -7.28 4.14
CA GLU A 15 2.33 -6.60 4.69
C GLU A 15 2.77 -5.60 5.75
N LYS A 16 3.82 -5.94 6.47
CA LYS A 16 4.36 -5.08 7.52
C LYS A 16 4.99 -3.83 6.91
N ASN A 17 5.83 -4.02 5.90
CA ASN A 17 6.50 -2.91 5.24
C ASN A 17 5.48 -1.91 4.69
N VAL A 18 4.58 -2.40 3.86
CA VAL A 18 3.54 -1.55 3.27
C VAL A 18 2.75 -0.85 4.36
N ARG A 19 2.53 -1.54 5.47
CA ARG A 19 1.80 -0.96 6.60
C ARG A 19 2.50 0.31 7.07
N ALA A 20 3.82 0.24 7.20
CA ALA A 20 4.59 1.40 7.62
C ALA A 20 4.38 2.54 6.62
N GLN A 21 4.40 2.20 5.34
CA GLN A 21 4.18 3.17 4.29
C GLN A 21 2.77 3.72 4.38
N LEU A 22 1.83 2.85 4.74
CA LEU A 22 0.43 3.25 4.89
C LEU A 22 0.30 4.39 5.88
N SER A 23 1.08 4.33 6.95
CA SER A 23 1.06 5.35 7.98
C SER A 23 1.77 6.62 7.51
N THR A 24 2.79 6.45 6.68
CA THR A 24 3.55 7.60 6.17
C THR A 24 2.85 8.27 4.99
N ILE A 25 1.81 7.63 4.45
CA ILE A 25 1.08 8.19 3.32
C ILE A 25 0.61 9.61 3.61
N GLU A 26 0.29 10.36 2.54
CA GLU A 26 -0.17 11.73 2.67
C GLU A 26 -1.58 11.81 3.28
N SER A 27 -2.16 10.66 3.61
CA SER A 27 -3.50 10.60 4.19
C SER A 27 -3.57 11.28 5.56
N ASP A 28 -2.51 11.98 5.96
CA ASP A 28 -2.48 12.67 7.24
C ASP A 28 -3.35 13.94 7.22
N GLU A 29 -4.46 13.88 6.49
CA GLU A 29 -5.39 15.00 6.35
C GLU A 29 -4.97 15.91 5.20
N VAL A 30 -5.14 15.41 3.98
CA VAL A 30 -4.79 16.17 2.79
C VAL A 30 -5.86 16.01 1.70
N THR A 31 -5.56 16.50 0.51
CA THR A 31 -6.50 16.42 -0.61
C THR A 31 -6.10 15.28 -1.55
N PRO A 32 -6.75 14.11 -1.44
CA PRO A 32 -6.45 12.96 -2.30
C PRO A 32 -6.76 13.23 -3.77
N ASP A 33 -5.72 13.19 -4.59
CA ASP A 33 -5.86 13.41 -6.03
C ASP A 33 -4.84 12.58 -6.79
N ARG A 34 -4.83 12.72 -8.11
CA ARG A 34 -3.90 11.99 -8.96
C ARG A 34 -2.49 11.99 -8.38
N ARG A 35 -2.16 13.05 -7.65
CA ARG A 35 -0.85 13.18 -7.02
C ARG A 35 -0.75 12.30 -5.79
N PHE A 36 -1.81 12.29 -4.99
CA PHE A 36 -1.85 11.48 -3.78
C PHE A 36 -1.79 10.01 -4.17
N ARG A 37 -2.50 9.69 -5.24
CA ARG A 37 -2.54 8.34 -5.76
C ARG A 37 -1.13 7.82 -6.02
N ALA A 38 -0.42 8.47 -6.93
CA ALA A 38 0.94 8.09 -7.28
C ALA A 38 1.82 8.04 -6.04
N ARG A 39 1.66 9.04 -5.17
CA ARG A 39 2.43 9.12 -3.93
C ARG A 39 2.33 7.81 -3.16
N VAL A 40 1.11 7.29 -3.06
CA VAL A 40 0.87 6.04 -2.36
C VAL A 40 1.37 4.86 -3.18
N ASP A 41 0.96 4.81 -4.44
CA ASP A 41 1.37 3.73 -5.33
C ASP A 41 2.89 3.62 -5.36
N ASP A 42 3.56 4.76 -5.33
CA ASP A 42 5.01 4.80 -5.35
C ASP A 42 5.56 4.35 -4.00
N ALA A 43 4.86 4.70 -2.94
CA ALA A 43 5.27 4.33 -1.59
C ALA A 43 5.34 2.81 -1.44
N ILE A 44 4.22 2.14 -1.65
CA ILE A 44 4.15 0.69 -1.54
C ILE A 44 5.19 0.04 -2.44
N ARG A 45 5.13 0.35 -3.73
CA ARG A 45 6.06 -0.21 -4.71
C ARG A 45 7.50 -0.14 -4.22
N GLU A 46 7.91 1.03 -3.72
CA GLU A 46 9.26 1.21 -3.20
C GLU A 46 9.51 0.24 -2.07
N GLY A 47 8.67 0.30 -1.04
CA GLY A 47 8.80 -0.59 0.08
C GLY A 47 8.61 -2.04 -0.34
N LEU A 48 7.83 -2.24 -1.40
CA LEU A 48 7.56 -3.57 -1.93
C LEU A 48 8.75 -4.05 -2.77
N LYS A 49 9.48 -3.09 -3.34
CA LYS A 49 10.66 -3.41 -4.14
C LYS A 49 11.85 -3.81 -3.26
N ALA A 50 11.75 -3.51 -1.98
CA ALA A 50 12.82 -3.83 -1.03
C ALA A 50 12.54 -5.10 -0.22
N LEU A 51 11.38 -5.70 -0.40
CA LEU A 51 11.03 -6.91 0.36
C LEU A 51 10.71 -8.10 -0.54
N GLY A 52 11.09 -8.02 -1.82
CA GLY A 52 10.82 -9.13 -2.73
C GLY A 52 9.85 -8.78 -3.83
N TYR A 53 9.16 -7.65 -3.71
CA TYR A 53 8.19 -7.24 -4.71
C TYR A 53 8.77 -6.19 -5.66
N TYR A 54 9.19 -6.62 -6.83
CA TYR A 54 9.78 -5.73 -7.83
C TYR A 54 8.90 -4.50 -8.10
N GLN A 55 7.92 -4.64 -8.99
CA GLN A 55 7.04 -3.54 -9.33
C GLN A 55 5.56 -3.94 -9.30
N PRO A 56 5.07 -4.39 -8.13
CA PRO A 56 3.68 -4.80 -7.97
C PRO A 56 2.68 -3.77 -8.46
N THR A 57 1.50 -4.24 -8.85
CA THR A 57 0.44 -3.34 -9.30
C THR A 57 -0.40 -2.96 -8.10
N ILE A 58 -0.20 -1.75 -7.60
CA ILE A 58 -0.94 -1.28 -6.42
C ILE A 58 -1.94 -0.19 -6.79
N GLU A 59 -3.23 -0.53 -6.70
CA GLU A 59 -4.29 0.41 -6.99
C GLU A 59 -4.96 0.87 -5.71
N PHE A 60 -5.88 1.83 -5.82
CA PHE A 60 -6.57 2.35 -4.66
C PHE A 60 -8.05 2.62 -4.95
N ASP A 61 -8.88 2.41 -3.93
CA ASP A 61 -10.32 2.62 -4.06
C ASP A 61 -10.83 3.51 -2.92
N LEU A 62 -10.90 4.80 -3.17
CA LEU A 62 -11.35 5.76 -2.17
C LEU A 62 -12.84 5.60 -1.88
N ARG A 63 -13.18 5.58 -0.59
CA ARG A 63 -14.57 5.46 -0.17
C ARG A 63 -14.87 6.52 0.89
N PRO A 64 -15.30 7.72 0.44
CA PRO A 64 -15.61 8.84 1.34
C PRO A 64 -16.55 8.48 2.50
N PRO A 65 -17.47 7.51 2.34
CA PRO A 65 -18.42 7.14 3.38
C PRO A 65 -18.03 5.88 4.15
N PRO A 66 -17.00 5.96 5.01
CA PRO A 66 -16.55 4.81 5.81
C PRO A 66 -17.62 4.37 6.82
N LYS A 67 -17.33 3.29 7.53
CA LYS A 67 -18.27 2.77 8.52
C LYS A 67 -17.91 3.25 9.92
N LYS A 68 -16.62 3.46 10.17
CA LYS A 68 -16.16 3.90 11.49
C LYS A 68 -15.22 5.10 11.41
N GLY A 69 -15.43 5.96 10.42
CA GLY A 69 -14.58 7.12 10.28
C GLY A 69 -15.15 8.19 9.39
N ARG A 70 -14.27 9.02 8.82
CA ARG A 70 -14.69 10.11 7.94
C ARG A 70 -14.49 9.71 6.48
N GLN A 71 -13.29 9.23 6.16
CA GLN A 71 -12.97 8.82 4.79
C GLN A 71 -11.99 7.65 4.79
N VAL A 72 -12.30 6.62 4.02
CA VAL A 72 -11.45 5.45 3.94
C VAL A 72 -10.91 5.24 2.53
N LEU A 73 -9.72 4.66 2.45
CA LEU A 73 -9.09 4.40 1.16
C LEU A 73 -8.48 2.99 1.15
N ILE A 74 -8.91 2.16 0.21
CA ILE A 74 -8.41 0.80 0.11
C ILE A 74 -7.19 0.72 -0.82
N ALA A 75 -6.28 -0.20 -0.52
CA ALA A 75 -5.08 -0.38 -1.32
C ALA A 75 -4.84 -1.86 -1.62
N LYS A 76 -4.88 -2.21 -2.89
CA LYS A 76 -4.67 -3.60 -3.31
C LYS A 76 -3.45 -3.72 -4.23
N VAL A 77 -2.53 -4.60 -3.87
CA VAL A 77 -1.32 -4.82 -4.67
C VAL A 77 -1.38 -6.16 -5.39
N THR A 78 -0.84 -6.20 -6.60
CA THR A 78 -0.84 -7.42 -7.40
C THR A 78 0.42 -7.54 -8.25
N PRO A 79 1.50 -8.10 -7.68
CA PRO A 79 2.77 -8.27 -8.37
C PRO A 79 2.89 -9.65 -9.02
N GLY A 80 3.15 -10.67 -8.19
CA GLY A 80 3.26 -12.03 -8.70
C GLY A 80 4.63 -12.63 -8.48
N VAL A 81 5.65 -11.79 -8.34
CA VAL A 81 7.02 -12.26 -8.15
C VAL A 81 7.58 -11.85 -6.78
N LEU A 82 8.41 -12.72 -6.22
CA LEU A 82 9.06 -12.43 -4.93
C LEU A 82 10.51 -12.92 -4.94
N GLU A 83 11.39 -12.13 -4.34
CA GLU A 83 12.80 -12.49 -4.27
C GLU A 83 13.00 -13.80 -3.51
N HIS A 84 14.22 -14.32 -3.56
CA HIS A 84 14.54 -15.57 -2.87
C HIS A 84 16.05 -15.79 -2.80
N HIS A 85 16.50 -16.40 -1.72
CA HIS A 85 17.92 -16.66 -1.53
C HIS A 85 18.25 -18.12 -1.86
N HIS A 86 17.34 -19.01 -1.49
CA HIS A 86 17.53 -20.44 -1.76
C HIS A 86 16.25 -21.08 -2.28
N HIS A 87 16.39 -22.22 -2.93
CA HIS A 87 15.23 -22.92 -3.49
C HIS A 87 15.49 -24.43 -3.51
N HIS A 88 14.82 -25.15 -2.61
CA HIS A 88 14.96 -26.59 -2.53
C HIS A 88 16.41 -26.98 -2.24
N HIS A 89 16.64 -28.27 -2.02
CA HIS A 89 17.98 -28.77 -1.73
C HIS A 89 18.79 -28.96 -3.00
N ALA A 1 -8.97 13.88 8.14
CA ALA A 1 -8.92 13.48 9.57
C ALA A 1 -9.50 12.09 9.76
N ASN A 2 -8.83 11.28 10.59
CA ASN A 2 -9.28 9.93 10.87
C ASN A 2 -9.31 9.09 9.59
N VAL A 3 -8.17 8.52 9.23
CA VAL A 3 -8.08 7.70 8.02
C VAL A 3 -7.01 6.63 8.17
N ARG A 4 -7.25 5.48 7.54
CA ARG A 4 -6.31 4.36 7.59
C ARG A 4 -6.40 3.55 6.30
N LEU A 5 -5.29 3.47 5.57
CA LEU A 5 -5.26 2.74 4.32
C LEU A 5 -5.39 1.24 4.55
N GLN A 6 -5.94 0.54 3.55
CA GLN A 6 -6.11 -0.90 3.64
C GLN A 6 -5.11 -1.62 2.74
N VAL A 7 -4.34 -2.52 3.34
CA VAL A 7 -3.34 -3.28 2.60
C VAL A 7 -3.90 -4.61 2.12
N GLU A 8 -3.72 -4.89 0.84
CA GLU A 8 -4.21 -6.14 0.25
C GLU A 8 -3.23 -6.68 -0.78
N GLY A 9 -2.78 -7.91 -0.57
CA GLY A 9 -1.84 -8.54 -1.47
C GLY A 9 -0.41 -8.49 -0.98
N LEU A 10 -0.24 -8.67 0.32
CA LEU A 10 1.09 -8.67 0.92
C LEU A 10 1.20 -9.72 2.01
N SER A 11 2.42 -10.18 2.24
CA SER A 11 2.66 -11.21 3.24
C SER A 11 4.01 -11.01 3.93
N GLY A 12 4.34 -11.91 4.85
CA GLY A 12 5.60 -11.83 5.58
C GLY A 12 5.93 -10.42 6.03
N GLN A 13 6.99 -9.86 5.48
CA GLN A 13 7.42 -8.51 5.83
C GLN A 13 6.77 -7.49 4.88
N LEU A 14 6.27 -7.96 3.75
CA LEU A 14 5.64 -7.11 2.76
C LEU A 14 4.48 -6.34 3.38
N GLU A 15 3.48 -7.07 3.86
CA GLU A 15 2.31 -6.48 4.49
C GLU A 15 2.72 -5.51 5.59
N LYS A 16 3.81 -5.85 6.28
CA LYS A 16 4.32 -5.01 7.36
C LYS A 16 4.97 -3.75 6.79
N ASN A 17 5.83 -3.93 5.80
CA ASN A 17 6.51 -2.80 5.17
C ASN A 17 5.50 -1.79 4.63
N VAL A 18 4.54 -2.28 3.86
CA VAL A 18 3.51 -1.43 3.29
C VAL A 18 2.73 -0.73 4.40
N ARG A 19 2.47 -1.43 5.49
CA ARG A 19 1.76 -0.85 6.63
C ARG A 19 2.46 0.42 7.08
N ALA A 20 3.77 0.34 7.25
CA ALA A 20 4.56 1.49 7.67
C ALA A 20 4.37 2.63 6.67
N GLN A 21 4.38 2.27 5.38
CA GLN A 21 4.18 3.25 4.33
C GLN A 21 2.77 3.81 4.39
N LEU A 22 1.81 2.92 4.68
CA LEU A 22 0.41 3.31 4.79
C LEU A 22 0.24 4.45 5.79
N SER A 23 1.04 4.42 6.85
CA SER A 23 0.99 5.45 7.88
C SER A 23 1.72 6.71 7.45
N THR A 24 2.81 6.54 6.70
CA THR A 24 3.60 7.68 6.23
C THR A 24 2.92 8.41 5.06
N ILE A 25 1.90 7.78 4.48
CA ILE A 25 1.18 8.39 3.35
C ILE A 25 0.70 9.80 3.69
N GLU A 26 0.39 10.57 2.64
CA GLU A 26 -0.09 11.94 2.80
C GLU A 26 -1.51 11.97 3.39
N SER A 27 -2.08 10.81 3.68
CA SER A 27 -3.43 10.71 4.23
C SER A 27 -3.54 11.38 5.62
N ASP A 28 -2.51 12.10 6.03
CA ASP A 28 -2.51 12.79 7.32
C ASP A 28 -3.41 14.03 7.29
N GLU A 29 -4.51 13.95 6.53
CA GLU A 29 -5.45 15.05 6.39
C GLU A 29 -5.04 15.98 5.26
N VAL A 30 -5.13 15.48 4.03
CA VAL A 30 -4.78 16.26 2.85
C VAL A 30 -5.85 16.12 1.77
N THR A 31 -5.52 16.57 0.56
CA THR A 31 -6.45 16.50 -0.56
C THR A 31 -6.10 15.32 -1.47
N PRO A 32 -6.77 14.16 -1.27
CA PRO A 32 -6.51 12.97 -2.08
C PRO A 32 -6.99 13.12 -3.52
N ASP A 33 -6.04 13.06 -4.46
CA ASP A 33 -6.35 13.18 -5.88
C ASP A 33 -5.38 12.33 -6.69
N ARG A 34 -5.52 12.38 -8.01
CA ARG A 34 -4.66 11.62 -8.91
C ARG A 34 -3.20 11.70 -8.47
N ARG A 35 -2.83 12.82 -7.84
CA ARG A 35 -1.47 13.02 -7.38
C ARG A 35 -1.21 12.25 -6.08
N PHE A 36 -2.19 12.26 -5.19
CA PHE A 36 -2.09 11.54 -3.92
C PHE A 36 -1.95 10.06 -4.20
N ARG A 37 -2.77 9.59 -5.14
CA ARG A 37 -2.76 8.20 -5.54
C ARG A 37 -1.38 7.76 -5.98
N ALA A 38 -0.78 8.52 -6.90
CA ALA A 38 0.55 8.21 -7.40
C ALA A 38 1.58 8.13 -6.28
N ARG A 39 1.53 9.09 -5.37
CA ARG A 39 2.45 9.13 -4.24
C ARG A 39 2.40 7.81 -3.47
N VAL A 40 1.18 7.34 -3.21
CA VAL A 40 0.98 6.09 -2.50
C VAL A 40 1.42 4.91 -3.34
N ASP A 41 0.99 4.91 -4.60
CA ASP A 41 1.35 3.84 -5.52
C ASP A 41 2.87 3.70 -5.61
N ASP A 42 3.56 4.83 -5.59
CA ASP A 42 5.01 4.84 -5.65
C ASP A 42 5.60 4.37 -4.32
N ALA A 43 5.04 4.87 -3.22
CA ALA A 43 5.50 4.51 -1.89
C ALA A 43 5.48 3.00 -1.71
N ILE A 44 4.32 2.39 -1.95
CA ILE A 44 4.17 0.95 -1.82
C ILE A 44 5.17 0.22 -2.70
N ARG A 45 5.11 0.51 -4.00
CA ARG A 45 6.00 -0.11 -4.97
C ARG A 45 7.46 0.04 -4.56
N GLU A 46 7.81 1.19 -4.00
CA GLU A 46 9.18 1.43 -3.56
C GLU A 46 9.54 0.48 -2.43
N GLY A 47 8.76 0.54 -1.35
CA GLY A 47 8.99 -0.33 -0.22
C GLY A 47 8.76 -1.79 -0.61
N LEU A 48 7.84 -1.98 -1.55
CA LEU A 48 7.50 -3.32 -2.05
C LEU A 48 8.62 -3.83 -2.94
N LYS A 49 9.20 -2.92 -3.71
CA LYS A 49 10.28 -3.26 -4.62
C LYS A 49 11.53 -3.67 -3.85
N ALA A 50 11.57 -3.35 -2.57
CA ALA A 50 12.71 -3.65 -1.73
C ALA A 50 12.50 -4.91 -0.88
N LEU A 51 11.30 -5.49 -0.94
CA LEU A 51 11.00 -6.69 -0.15
C LEU A 51 10.67 -7.89 -1.04
N GLY A 52 11.12 -7.87 -2.29
CA GLY A 52 10.84 -8.99 -3.18
C GLY A 52 10.16 -8.60 -4.46
N TYR A 53 9.65 -7.37 -4.54
CA TYR A 53 8.95 -6.93 -5.75
C TYR A 53 9.81 -5.98 -6.57
N TYR A 54 9.33 -5.66 -7.77
CA TYR A 54 10.04 -4.75 -8.67
C TYR A 54 9.15 -3.58 -9.07
N GLN A 55 7.89 -3.88 -9.38
CA GLN A 55 6.92 -2.85 -9.77
C GLN A 55 5.49 -3.35 -9.66
N PRO A 56 5.09 -3.85 -8.47
CA PRO A 56 3.73 -4.36 -8.25
C PRO A 56 2.66 -3.36 -8.63
N THR A 57 1.65 -3.81 -9.38
CA THR A 57 0.55 -2.95 -9.76
C THR A 57 -0.34 -2.72 -8.56
N ILE A 58 -0.24 -1.55 -7.95
CA ILE A 58 -1.02 -1.24 -6.77
C ILE A 58 -2.08 -0.18 -7.07
N GLU A 59 -3.34 -0.60 -7.03
CA GLU A 59 -4.46 0.30 -7.27
C GLU A 59 -5.08 0.76 -5.96
N PHE A 60 -5.95 1.77 -6.03
CA PHE A 60 -6.59 2.28 -4.84
C PHE A 60 -8.08 2.55 -5.07
N ASP A 61 -8.85 2.49 -3.98
CA ASP A 61 -10.29 2.72 -4.05
C ASP A 61 -10.75 3.57 -2.88
N LEU A 62 -10.82 4.88 -3.09
CA LEU A 62 -11.23 5.82 -2.05
C LEU A 62 -12.69 5.66 -1.68
N ARG A 63 -12.97 5.67 -0.38
CA ARG A 63 -14.33 5.55 0.13
C ARG A 63 -14.53 6.53 1.27
N PRO A 64 -15.00 7.75 0.97
CA PRO A 64 -15.22 8.79 1.97
C PRO A 64 -16.04 8.33 3.18
N PRO A 65 -16.99 7.39 3.02
CA PRO A 65 -17.83 6.93 4.11
C PRO A 65 -17.40 5.57 4.70
N PRO A 66 -16.31 5.54 5.47
CA PRO A 66 -15.82 4.31 6.09
C PRO A 66 -16.84 3.70 7.05
N LYS A 67 -16.50 2.56 7.62
CA LYS A 67 -17.38 1.88 8.55
C LYS A 67 -17.04 2.24 9.99
N LYS A 68 -15.75 2.42 10.26
CA LYS A 68 -15.30 2.76 11.61
C LYS A 68 -14.34 3.94 11.62
N GLY A 69 -14.55 4.86 10.69
CA GLY A 69 -13.68 6.02 10.64
C GLY A 69 -14.30 7.20 9.94
N ARG A 70 -13.47 8.07 9.38
CA ARG A 70 -13.93 9.26 8.68
C ARG A 70 -13.75 9.11 7.17
N GLN A 71 -12.57 8.63 6.77
CA GLN A 71 -12.25 8.44 5.36
C GLN A 71 -11.34 7.24 5.17
N VAL A 72 -11.70 6.34 4.25
CA VAL A 72 -10.90 5.15 3.99
C VAL A 72 -10.47 5.06 2.53
N LEU A 73 -9.29 4.49 2.31
CA LEU A 73 -8.74 4.30 0.98
C LEU A 73 -8.13 2.91 0.84
N ILE A 74 -8.70 2.09 -0.03
CA ILE A 74 -8.22 0.72 -0.23
C ILE A 74 -6.95 0.72 -1.08
N ALA A 75 -6.12 -0.30 -0.86
CA ALA A 75 -4.86 -0.44 -1.60
C ALA A 75 -4.55 -1.91 -1.88
N LYS A 76 -4.75 -2.33 -3.13
CA LYS A 76 -4.47 -3.71 -3.52
C LYS A 76 -3.25 -3.78 -4.43
N VAL A 77 -2.32 -4.66 -4.09
CA VAL A 77 -1.09 -4.83 -4.87
C VAL A 77 -1.09 -6.14 -5.65
N THR A 78 -0.51 -6.12 -6.84
CA THR A 78 -0.43 -7.32 -7.68
C THR A 78 0.75 -7.23 -8.64
N PRO A 79 1.93 -7.73 -8.22
CA PRO A 79 3.13 -7.73 -9.05
C PRO A 79 3.26 -8.97 -9.91
N GLY A 80 3.67 -10.08 -9.29
CA GLY A 80 3.83 -11.33 -10.03
C GLY A 80 4.88 -12.23 -9.42
N VAL A 81 6.09 -11.72 -9.26
CA VAL A 81 7.19 -12.50 -8.69
C VAL A 81 7.66 -11.91 -7.37
N LEU A 82 8.25 -12.76 -6.53
CA LEU A 82 8.77 -12.32 -5.23
C LEU A 82 10.08 -13.02 -4.91
N GLU A 83 10.95 -12.32 -4.18
CA GLU A 83 12.25 -12.88 -3.80
C GLU A 83 12.08 -14.09 -2.91
N HIS A 84 12.63 -15.22 -3.34
CA HIS A 84 12.55 -16.46 -2.58
C HIS A 84 13.68 -16.56 -1.57
N HIS A 85 13.45 -17.28 -0.48
CA HIS A 85 14.45 -17.46 0.55
C HIS A 85 15.15 -18.81 0.42
N HIS A 86 15.21 -19.33 -0.81
CA HIS A 86 15.85 -20.60 -1.07
C HIS A 86 15.10 -21.74 -0.38
N HIS A 87 15.32 -21.89 0.92
CA HIS A 87 14.67 -22.94 1.70
C HIS A 87 15.13 -24.32 1.24
N HIS A 88 14.59 -24.78 0.11
CA HIS A 88 14.95 -26.09 -0.42
C HIS A 88 16.09 -25.96 -1.42
N HIS A 89 16.51 -27.10 -1.98
CA HIS A 89 17.60 -27.12 -2.95
C HIS A 89 18.89 -26.59 -2.34
N ALA A 1 -5.57 12.62 10.78
CA ALA A 1 -6.27 12.58 12.09
C ALA A 1 -6.80 11.18 12.38
N ASN A 2 -7.70 10.69 11.52
CA ASN A 2 -8.28 9.37 11.69
C ASN A 2 -8.42 8.67 10.34
N VAL A 3 -7.32 8.10 9.86
CA VAL A 3 -7.33 7.39 8.58
C VAL A 3 -6.36 6.21 8.61
N ARG A 4 -6.70 5.17 7.84
CA ARG A 4 -5.87 3.98 7.76
C ARG A 4 -5.99 3.33 6.39
N LEU A 5 -4.85 3.18 5.71
CA LEU A 5 -4.82 2.56 4.39
C LEU A 5 -5.00 1.05 4.49
N GLN A 6 -5.95 0.53 3.71
CA GLN A 6 -6.21 -0.91 3.71
C GLN A 6 -5.28 -1.64 2.74
N VAL A 7 -5.00 -2.91 3.04
CA VAL A 7 -4.12 -3.71 2.19
C VAL A 7 -4.92 -4.72 1.38
N GLU A 8 -4.55 -4.87 0.11
CA GLU A 8 -5.23 -5.80 -0.78
C GLU A 8 -4.25 -6.43 -1.77
N GLY A 9 -4.25 -7.75 -1.83
CA GLY A 9 -3.36 -8.46 -2.74
C GLY A 9 -1.93 -8.54 -2.23
N LEU A 10 -1.79 -8.89 -0.96
CA LEU A 10 -0.48 -9.00 -0.33
C LEU A 10 -0.42 -10.20 0.61
N SER A 11 0.75 -10.80 0.73
CA SER A 11 0.93 -11.96 1.59
C SER A 11 2.35 -12.05 2.12
N GLY A 12 2.59 -13.02 3.00
CA GLY A 12 3.91 -13.21 3.56
C GLY A 12 4.50 -11.91 4.10
N GLN A 13 5.56 -11.43 3.47
CA GLN A 13 6.22 -10.21 3.89
C GLN A 13 5.69 -9.01 3.09
N LEU A 14 5.01 -9.29 1.99
CA LEU A 14 4.46 -8.23 1.14
C LEU A 14 3.41 -7.43 1.90
N GLU A 15 2.41 -8.13 2.44
CA GLU A 15 1.34 -7.49 3.20
C GLU A 15 1.92 -6.67 4.35
N LYS A 16 2.99 -7.17 4.94
CA LYS A 16 3.64 -6.50 6.05
C LYS A 16 4.33 -5.22 5.57
N ASN A 17 5.17 -5.36 4.56
CA ASN A 17 5.89 -4.21 4.00
C ASN A 17 4.92 -3.13 3.57
N VAL A 18 3.86 -3.52 2.86
CA VAL A 18 2.86 -2.57 2.39
C VAL A 18 2.22 -1.85 3.57
N ARG A 19 1.80 -2.61 4.58
CA ARG A 19 1.18 -2.03 5.76
C ARG A 19 2.02 -0.86 6.29
N ALA A 20 3.32 -1.09 6.42
CA ALA A 20 4.23 -0.06 6.90
C ALA A 20 4.16 1.17 6.00
N GLN A 21 4.28 0.94 4.70
CA GLN A 21 4.22 2.02 3.73
C GLN A 21 2.86 2.69 3.79
N LEU A 22 1.81 1.88 3.97
CA LEU A 22 0.45 2.39 4.07
C LEU A 22 0.34 3.41 5.19
N SER A 23 1.11 3.19 6.26
CA SER A 23 1.12 4.09 7.40
C SER A 23 2.07 5.26 7.17
N THR A 24 3.02 5.09 6.27
CA THR A 24 3.99 6.14 5.96
C THR A 24 3.44 7.11 4.93
N ILE A 25 2.45 6.67 4.16
CA ILE A 25 1.83 7.51 3.14
C ILE A 25 1.43 8.88 3.70
N GLU A 26 1.23 9.83 2.80
CA GLU A 26 0.84 11.19 3.17
C GLU A 26 -0.53 11.24 3.88
N SER A 27 -1.15 10.09 4.08
CA SER A 27 -2.46 10.01 4.72
C SER A 27 -2.45 10.59 6.15
N ASP A 28 -1.36 11.24 6.53
CA ASP A 28 -1.23 11.85 7.85
C ASP A 28 -2.00 13.17 7.92
N GLU A 29 -3.13 13.24 7.20
CA GLU A 29 -3.96 14.44 7.15
C GLU A 29 -3.50 15.38 6.03
N VAL A 30 -3.79 14.99 4.79
CA VAL A 30 -3.41 15.79 3.63
C VAL A 30 -4.54 15.80 2.59
N THR A 31 -4.22 16.25 1.39
CA THR A 31 -5.21 16.32 0.31
C THR A 31 -5.04 15.13 -0.64
N PRO A 32 -5.94 14.12 -0.57
CA PRO A 32 -5.86 12.94 -1.42
C PRO A 32 -6.32 13.21 -2.85
N ASP A 33 -5.41 13.05 -3.79
CA ASP A 33 -5.72 13.27 -5.21
C ASP A 33 -4.89 12.33 -6.07
N ARG A 34 -5.06 12.45 -7.39
CA ARG A 34 -4.32 11.61 -8.33
C ARG A 34 -2.84 11.56 -7.99
N ARG A 35 -2.35 12.63 -7.37
CA ARG A 35 -0.95 12.72 -6.99
C ARG A 35 -0.70 11.89 -5.73
N PHE A 36 -1.63 11.95 -4.79
CA PHE A 36 -1.52 11.20 -3.56
C PHE A 36 -1.52 9.71 -3.88
N ARG A 37 -2.44 9.33 -4.76
CA ARG A 37 -2.57 7.96 -5.21
C ARG A 37 -1.24 7.45 -5.76
N ALA A 38 -0.66 8.21 -6.67
CA ALA A 38 0.62 7.84 -7.27
C ALA A 38 1.70 7.63 -6.21
N ARG A 39 1.76 8.55 -5.26
CA ARG A 39 2.74 8.47 -4.18
C ARG A 39 2.67 7.11 -3.50
N VAL A 40 1.46 6.70 -3.11
CA VAL A 40 1.26 5.42 -2.47
C VAL A 40 1.57 4.29 -3.45
N ASP A 41 1.12 4.45 -4.68
CA ASP A 41 1.36 3.45 -5.71
C ASP A 41 2.85 3.22 -5.89
N ASP A 42 3.61 4.31 -5.84
CA ASP A 42 5.05 4.24 -6.00
C ASP A 42 5.70 3.64 -4.76
N ALA A 43 5.32 4.16 -3.59
CA ALA A 43 5.86 3.67 -2.33
C ALA A 43 5.60 2.17 -2.18
N ILE A 44 4.35 1.77 -2.37
CA ILE A 44 3.98 0.36 -2.28
C ILE A 44 4.85 -0.45 -3.23
N ARG A 45 4.85 -0.03 -4.49
CA ARG A 45 5.64 -0.69 -5.52
C ARG A 45 7.12 -0.71 -5.13
N GLU A 46 7.55 0.33 -4.44
CA GLU A 46 8.94 0.44 -4.00
C GLU A 46 9.24 -0.70 -3.01
N GLY A 47 8.51 -0.72 -1.91
CA GLY A 47 8.69 -1.77 -0.93
C GLY A 47 8.30 -3.11 -1.49
N LEU A 48 7.21 -3.12 -2.26
CA LEU A 48 6.73 -4.35 -2.89
C LEU A 48 7.78 -4.88 -3.84
N LYS A 49 8.43 -3.97 -4.54
CA LYS A 49 9.47 -4.33 -5.49
C LYS A 49 10.69 -4.90 -4.77
N ALA A 50 10.81 -4.59 -3.49
CA ALA A 50 11.95 -5.06 -2.69
C ALA A 50 11.64 -6.36 -1.96
N LEU A 51 10.40 -6.85 -2.06
CA LEU A 51 10.02 -8.09 -1.39
C LEU A 51 9.72 -9.19 -2.39
N GLY A 52 10.12 -8.99 -3.64
CA GLY A 52 9.89 -10.00 -4.66
C GLY A 52 9.14 -9.49 -5.88
N TYR A 53 8.56 -8.30 -5.78
CA TYR A 53 7.82 -7.75 -6.91
C TYR A 53 8.68 -6.80 -7.73
N TYR A 54 8.15 -6.37 -8.88
CA TYR A 54 8.88 -5.45 -9.76
C TYR A 54 8.06 -4.20 -10.01
N GLN A 55 6.90 -4.36 -10.65
CA GLN A 55 6.04 -3.22 -10.95
C GLN A 55 4.57 -3.57 -10.73
N PRO A 56 4.21 -4.07 -9.54
CA PRO A 56 2.84 -4.44 -9.21
C PRO A 56 1.83 -3.36 -9.55
N THR A 57 0.69 -3.76 -10.11
CA THR A 57 -0.35 -2.81 -10.44
C THR A 57 -1.11 -2.47 -9.16
N ILE A 58 -0.84 -1.31 -8.60
CA ILE A 58 -1.48 -0.90 -7.36
C ILE A 58 -2.45 0.26 -7.55
N GLU A 59 -3.70 0.04 -7.16
CA GLU A 59 -4.73 1.05 -7.26
C GLU A 59 -5.23 1.45 -5.88
N PHE A 60 -6.14 2.41 -5.82
CA PHE A 60 -6.67 2.87 -4.54
C PHE A 60 -8.10 3.37 -4.66
N ASP A 61 -8.86 3.22 -3.58
CA ASP A 61 -10.25 3.67 -3.54
C ASP A 61 -10.52 4.43 -2.25
N LEU A 62 -10.42 5.75 -2.32
CA LEU A 62 -10.62 6.61 -1.17
C LEU A 62 -12.11 6.83 -0.89
N ARG A 63 -12.44 7.01 0.38
CA ARG A 63 -13.82 7.24 0.80
C ARG A 63 -13.84 8.13 2.03
N PRO A 64 -14.13 9.42 1.83
CA PRO A 64 -14.20 10.39 2.92
C PRO A 64 -15.10 9.94 4.08
N PRO A 65 -16.19 9.20 3.81
CA PRO A 65 -17.12 8.74 4.82
C PRO A 65 -16.94 7.26 5.15
N PRO A 66 -15.85 6.89 5.84
CA PRO A 66 -15.59 5.49 6.23
C PRO A 66 -16.64 4.96 7.19
N LYS A 67 -16.55 3.68 7.52
CA LYS A 67 -17.50 3.05 8.42
C LYS A 67 -17.00 3.01 9.86
N LYS A 68 -15.68 2.97 10.03
CA LYS A 68 -15.08 2.90 11.37
C LYS A 68 -14.01 3.96 11.57
N GLY A 69 -14.17 5.11 10.93
CA GLY A 69 -13.18 6.16 11.08
C GLY A 69 -13.63 7.48 10.51
N ARG A 70 -12.67 8.32 10.14
CA ARG A 70 -12.97 9.63 9.57
C ARG A 70 -12.77 9.63 8.06
N GLN A 71 -11.66 9.04 7.62
CA GLN A 71 -11.34 8.95 6.20
C GLN A 71 -10.57 7.66 5.93
N VAL A 72 -11.03 6.86 4.97
CA VAL A 72 -10.33 5.61 4.66
C VAL A 72 -10.01 5.48 3.16
N LEU A 73 -8.84 4.90 2.88
CA LEU A 73 -8.39 4.71 1.51
C LEU A 73 -7.85 3.30 1.32
N ILE A 74 -8.50 2.54 0.44
CA ILE A 74 -8.09 1.16 0.16
C ILE A 74 -6.91 1.11 -0.80
N ALA A 75 -6.05 0.11 -0.61
CA ALA A 75 -4.88 -0.07 -1.46
C ALA A 75 -4.76 -1.50 -1.94
N LYS A 76 -5.05 -1.72 -3.22
CA LYS A 76 -4.97 -3.05 -3.82
C LYS A 76 -3.77 -3.15 -4.75
N VAL A 77 -3.20 -4.35 -4.85
CA VAL A 77 -2.04 -4.56 -5.70
C VAL A 77 -2.15 -5.88 -6.46
N THR A 78 -1.54 -5.94 -7.65
CA THR A 78 -1.56 -7.14 -8.48
C THR A 78 -0.38 -7.16 -9.44
N PRO A 79 0.75 -7.75 -9.02
CA PRO A 79 1.95 -7.84 -9.84
C PRO A 79 1.94 -9.07 -10.73
N GLY A 80 2.28 -10.24 -10.18
CA GLY A 80 2.27 -11.46 -10.97
C GLY A 80 3.29 -12.49 -10.51
N VAL A 81 4.55 -12.11 -10.47
CA VAL A 81 5.61 -13.04 -10.06
C VAL A 81 6.20 -12.66 -8.71
N LEU A 82 6.62 -13.68 -7.95
CA LEU A 82 7.22 -13.48 -6.64
C LEU A 82 8.36 -14.47 -6.43
N GLU A 83 9.59 -13.94 -6.34
CA GLU A 83 10.76 -14.79 -6.13
C GLU A 83 11.20 -14.76 -4.68
N HIS A 84 11.38 -15.94 -4.10
CA HIS A 84 11.80 -16.07 -2.71
C HIS A 84 13.29 -15.81 -2.56
N HIS A 85 13.74 -15.66 -1.32
CA HIS A 85 15.16 -15.40 -1.04
C HIS A 85 15.46 -15.62 0.44
N HIS A 86 16.04 -16.78 0.75
CA HIS A 86 16.38 -17.12 2.13
C HIS A 86 17.84 -16.80 2.40
N HIS A 87 18.07 -15.93 3.39
CA HIS A 87 19.42 -15.53 3.76
C HIS A 87 19.60 -15.55 5.27
N HIS A 88 18.94 -16.51 5.93
CA HIS A 88 19.03 -16.63 7.39
C HIS A 88 19.31 -18.08 7.78
N HIS A 89 19.78 -18.27 9.01
CA HIS A 89 20.08 -19.60 9.52
C HIS A 89 18.80 -20.41 9.70
N ALA A 1 -7.44 12.78 10.22
CA ALA A 1 -8.56 12.76 11.19
C ALA A 1 -9.04 11.34 11.45
N ASN A 2 -9.47 10.66 10.39
CA ASN A 2 -9.96 9.29 10.50
C ASN A 2 -9.78 8.55 9.19
N VAL A 3 -8.60 7.97 8.98
CA VAL A 3 -8.31 7.23 7.76
C VAL A 3 -7.28 6.14 8.01
N ARG A 4 -7.42 5.04 7.26
CA ARG A 4 -6.50 3.92 7.39
C ARG A 4 -6.34 3.20 6.06
N LEU A 5 -5.09 3.02 5.64
CA LEU A 5 -4.81 2.35 4.37
C LEU A 5 -4.99 0.84 4.51
N GLN A 6 -5.96 0.30 3.78
CA GLN A 6 -6.23 -1.13 3.82
C GLN A 6 -5.26 -1.89 2.92
N VAL A 7 -4.39 -2.67 3.53
CA VAL A 7 -3.41 -3.45 2.78
C VAL A 7 -3.99 -4.76 2.27
N GLU A 8 -3.67 -5.10 1.03
CA GLU A 8 -4.16 -6.34 0.42
C GLU A 8 -3.16 -6.88 -0.59
N GLY A 9 -2.74 -8.12 -0.36
CA GLY A 9 -1.78 -8.76 -1.27
C GLY A 9 -0.36 -8.67 -0.76
N LEU A 10 -0.17 -8.93 0.52
CA LEU A 10 1.15 -8.88 1.13
C LEU A 10 1.31 -10.02 2.14
N SER A 11 2.54 -10.50 2.29
CA SER A 11 2.83 -11.58 3.22
C SER A 11 4.22 -11.43 3.83
N GLY A 12 4.31 -11.59 5.14
CA GLY A 12 5.58 -11.46 5.81
C GLY A 12 6.14 -10.06 5.74
N GLN A 13 7.45 -9.96 5.58
CA GLN A 13 8.13 -8.67 5.50
C GLN A 13 7.43 -7.74 4.50
N LEU A 14 6.77 -8.33 3.52
CA LEU A 14 6.06 -7.54 2.51
C LEU A 14 4.92 -6.76 3.14
N GLU A 15 4.05 -7.45 3.85
CA GLU A 15 2.93 -6.81 4.52
C GLU A 15 3.44 -5.80 5.55
N LYS A 16 4.53 -6.16 6.22
CA LYS A 16 5.13 -5.29 7.23
C LYS A 16 5.67 -4.02 6.58
N ASN A 17 6.43 -4.19 5.49
CA ASN A 17 7.01 -3.06 4.78
C ASN A 17 5.92 -2.07 4.38
N VAL A 18 4.90 -2.56 3.68
CA VAL A 18 3.79 -1.71 3.26
C VAL A 18 3.16 -1.01 4.46
N ARG A 19 3.14 -1.70 5.60
CA ARG A 19 2.58 -1.14 6.82
C ARG A 19 3.31 0.15 7.17
N ALA A 20 4.65 0.10 7.13
CA ALA A 20 5.45 1.28 7.42
C ALA A 20 5.09 2.39 6.45
N GLN A 21 4.90 2.01 5.19
CA GLN A 21 4.53 2.97 4.16
C GLN A 21 3.12 3.50 4.42
N LEU A 22 2.26 2.62 4.92
CA LEU A 22 0.88 2.99 5.24
C LEU A 22 0.85 4.14 6.24
N SER A 23 1.81 4.13 7.17
CA SER A 23 1.89 5.17 8.18
C SER A 23 2.55 6.42 7.62
N THR A 24 3.46 6.25 6.66
CA THR A 24 4.16 7.38 6.06
C THR A 24 3.34 8.03 4.95
N ILE A 25 2.23 7.40 4.55
CA ILE A 25 1.38 7.93 3.49
C ILE A 25 0.96 9.37 3.81
N GLU A 26 0.51 10.08 2.78
CA GLU A 26 0.07 11.46 2.94
C GLU A 26 -1.27 11.55 3.68
N SER A 27 -1.81 10.40 4.07
CA SER A 27 -3.09 10.35 4.79
C SER A 27 -3.03 11.05 6.14
N ASP A 28 -1.95 11.77 6.42
CA ASP A 28 -1.79 12.49 7.68
C ASP A 28 -2.66 13.76 7.71
N GLU A 29 -3.83 13.69 7.08
CA GLU A 29 -4.76 14.82 7.01
C GLU A 29 -4.44 15.70 5.80
N VAL A 30 -4.70 15.17 4.62
CA VAL A 30 -4.47 15.91 3.38
C VAL A 30 -5.65 15.79 2.44
N THR A 31 -5.45 16.18 1.17
CA THR A 31 -6.52 16.11 0.18
C THR A 31 -6.27 14.96 -0.81
N PRO A 32 -6.96 13.83 -0.63
CA PRO A 32 -6.80 12.66 -1.50
C PRO A 32 -7.18 12.95 -2.95
N ASP A 33 -6.19 12.84 -3.84
CA ASP A 33 -6.42 13.08 -5.26
C ASP A 33 -5.51 12.18 -6.10
N ARG A 34 -5.59 12.35 -7.42
CA ARG A 34 -4.78 11.54 -8.33
C ARG A 34 -3.33 11.51 -7.89
N ARG A 35 -2.89 12.57 -7.21
CA ARG A 35 -1.52 12.66 -6.72
C ARG A 35 -1.33 11.80 -5.47
N PHE A 36 -2.29 11.90 -4.54
CA PHE A 36 -2.23 11.13 -3.31
C PHE A 36 -2.21 9.64 -3.66
N ARG A 37 -3.11 9.26 -4.55
CA ARG A 37 -3.22 7.89 -5.00
C ARG A 37 -1.90 7.39 -5.58
N ALA A 38 -1.22 8.26 -6.31
CA ALA A 38 0.06 7.92 -6.92
C ALA A 38 1.15 7.80 -5.86
N ARG A 39 1.15 8.74 -4.91
CA ARG A 39 2.14 8.75 -3.84
C ARG A 39 2.12 7.42 -3.10
N VAL A 40 0.91 6.96 -2.75
CA VAL A 40 0.77 5.70 -2.05
C VAL A 40 1.23 4.55 -2.93
N ASP A 41 0.76 4.55 -4.19
CA ASP A 41 1.15 3.51 -5.14
C ASP A 41 2.66 3.38 -5.22
N ASP A 42 3.33 4.53 -5.35
CA ASP A 42 4.78 4.55 -5.42
C ASP A 42 5.38 3.99 -4.15
N ALA A 43 4.86 4.43 -3.00
CA ALA A 43 5.34 3.98 -1.71
C ALA A 43 5.38 2.46 -1.65
N ILE A 44 4.21 1.82 -1.80
CA ILE A 44 4.15 0.37 -1.78
C ILE A 44 5.21 -0.24 -2.67
N ARG A 45 5.17 0.12 -3.95
CA ARG A 45 6.13 -0.37 -4.92
C ARG A 45 7.56 -0.10 -4.45
N GLU A 46 7.72 0.98 -3.68
CA GLU A 46 9.03 1.34 -3.16
C GLU A 46 9.49 0.27 -2.18
N GLY A 47 8.71 0.09 -1.11
CA GLY A 47 9.04 -0.92 -0.14
C GLY A 47 8.96 -2.31 -0.75
N LEU A 48 7.92 -2.52 -1.54
CA LEU A 48 7.71 -3.79 -2.21
C LEU A 48 8.89 -4.10 -3.14
N LYS A 49 9.47 -3.05 -3.70
CA LYS A 49 10.63 -3.19 -4.58
C LYS A 49 11.87 -3.56 -3.78
N ALA A 50 11.85 -3.26 -2.49
CA ALA A 50 12.99 -3.54 -1.62
C ALA A 50 12.84 -4.88 -0.88
N LEU A 51 11.71 -5.56 -1.06
CA LEU A 51 11.48 -6.84 -0.38
C LEU A 51 11.36 -7.99 -1.37
N GLY A 52 11.67 -7.73 -2.63
CA GLY A 52 11.60 -8.79 -3.64
C GLY A 52 10.49 -8.56 -4.64
N TYR A 53 9.61 -7.60 -4.35
CA TYR A 53 8.50 -7.29 -5.24
C TYR A 53 8.85 -6.11 -6.14
N TYR A 54 9.24 -6.41 -7.38
CA TYR A 54 9.65 -5.38 -8.34
C TYR A 54 8.62 -4.28 -8.50
N GLN A 55 7.63 -4.49 -9.37
CA GLN A 55 6.62 -3.47 -9.63
C GLN A 55 5.20 -4.03 -9.48
N PRO A 56 4.87 -4.56 -8.29
CA PRO A 56 3.54 -5.11 -8.01
C PRO A 56 2.41 -4.19 -8.45
N THR A 57 1.40 -4.76 -9.07
CA THR A 57 0.25 -3.96 -9.49
C THR A 57 -0.53 -3.54 -8.26
N ILE A 58 -0.36 -2.28 -7.87
CA ILE A 58 -1.04 -1.76 -6.69
C ILE A 58 -2.07 -0.70 -7.03
N GLU A 59 -3.34 -1.03 -6.80
CA GLU A 59 -4.43 -0.12 -7.07
C GLU A 59 -5.05 0.36 -5.76
N PHE A 60 -6.03 1.26 -5.84
CA PHE A 60 -6.67 1.78 -4.65
C PHE A 60 -8.18 1.96 -4.84
N ASP A 61 -8.91 1.96 -3.73
CA ASP A 61 -10.35 2.13 -3.74
C ASP A 61 -10.76 3.16 -2.69
N LEU A 62 -10.90 4.40 -3.13
CA LEU A 62 -11.26 5.50 -2.24
C LEU A 62 -12.74 5.48 -1.87
N ARG A 63 -13.04 5.89 -0.65
CA ARG A 63 -14.40 5.94 -0.15
C ARG A 63 -14.62 7.20 0.67
N PRO A 64 -14.70 8.36 0.00
CA PRO A 64 -14.91 9.65 0.66
C PRO A 64 -15.90 9.58 1.83
N PRO A 65 -17.01 8.83 1.68
CA PRO A 65 -18.03 8.71 2.70
C PRO A 65 -17.97 7.39 3.48
N PRO A 66 -16.94 7.19 4.32
CA PRO A 66 -16.80 5.97 5.10
C PRO A 66 -17.91 5.82 6.14
N LYS A 67 -17.88 4.71 6.86
CA LYS A 67 -18.89 4.44 7.88
C LYS A 67 -18.40 4.84 9.27
N LYS A 68 -17.10 4.69 9.51
CA LYS A 68 -16.53 5.02 10.82
C LYS A 68 -15.31 5.92 10.72
N GLY A 69 -15.29 6.79 9.71
CA GLY A 69 -14.15 7.66 9.56
C GLY A 69 -14.44 8.85 8.66
N ARG A 70 -13.38 9.41 8.08
CA ARG A 70 -13.51 10.55 7.18
C ARG A 70 -13.48 10.09 5.72
N GLN A 71 -12.44 9.33 5.39
CA GLN A 71 -12.27 8.79 4.04
C GLN A 71 -11.59 7.44 4.08
N VAL A 72 -12.20 6.45 3.44
CA VAL A 72 -11.64 5.10 3.41
C VAL A 72 -10.87 4.88 2.12
N LEU A 73 -9.63 4.40 2.24
CA LEU A 73 -8.81 4.13 1.07
C LEU A 73 -8.16 2.76 1.16
N ILE A 74 -8.52 1.89 0.22
CA ILE A 74 -7.99 0.53 0.20
C ILE A 74 -6.79 0.42 -0.75
N ALA A 75 -5.91 -0.53 -0.48
CA ALA A 75 -4.73 -0.75 -1.31
C ALA A 75 -4.53 -2.22 -1.62
N LYS A 76 -4.80 -2.59 -2.88
CA LYS A 76 -4.66 -3.97 -3.32
C LYS A 76 -3.45 -4.12 -4.23
N VAL A 77 -2.51 -4.98 -3.85
CA VAL A 77 -1.31 -5.22 -4.63
C VAL A 77 -1.29 -6.62 -5.23
N THR A 78 -0.71 -6.75 -6.41
CA THR A 78 -0.63 -8.05 -7.08
C THR A 78 0.55 -8.08 -8.06
N PRO A 79 1.73 -8.52 -7.58
CA PRO A 79 2.94 -8.61 -8.39
C PRO A 79 3.06 -9.95 -9.11
N GLY A 80 3.53 -10.97 -8.39
CA GLY A 80 3.68 -12.28 -8.99
C GLY A 80 5.11 -12.80 -8.95
N VAL A 81 6.07 -11.88 -8.85
CA VAL A 81 7.48 -12.26 -8.83
C VAL A 81 8.14 -11.92 -7.50
N LEU A 82 9.07 -12.77 -7.07
CA LEU A 82 9.81 -12.56 -5.84
C LEU A 82 11.26 -12.98 -6.02
N GLU A 83 12.15 -11.99 -6.09
CA GLU A 83 13.57 -12.24 -6.27
C GLU A 83 14.26 -12.45 -4.93
N HIS A 84 15.21 -13.39 -4.90
CA HIS A 84 15.95 -13.69 -3.67
C HIS A 84 15.03 -14.27 -2.61
N HIS A 85 15.51 -14.30 -1.36
CA HIS A 85 14.73 -14.85 -0.26
C HIS A 85 14.52 -16.35 -0.41
N HIS A 86 15.21 -17.12 0.43
CA HIS A 86 15.10 -18.57 0.38
C HIS A 86 13.67 -19.03 0.62
N HIS A 87 13.28 -20.10 -0.06
CA HIS A 87 11.92 -20.64 0.07
C HIS A 87 11.75 -21.90 -0.76
N HIS A 88 12.80 -22.72 -0.80
CA HIS A 88 12.77 -23.97 -1.56
C HIS A 88 13.99 -24.83 -1.24
N HIS A 89 14.05 -26.01 -1.84
CA HIS A 89 15.16 -26.92 -1.62
C HIS A 89 15.35 -27.84 -2.82
N ALA A 1 -6.89 13.61 12.84
CA ALA A 1 -6.28 12.46 12.11
C ALA A 1 -7.14 11.20 12.27
N ASN A 2 -7.83 10.83 11.20
CA ASN A 2 -8.69 9.65 11.22
C ASN A 2 -8.72 8.99 9.84
N VAL A 3 -7.69 8.21 9.53
CA VAL A 3 -7.61 7.53 8.25
C VAL A 3 -6.84 6.22 8.38
N ARG A 4 -7.19 5.26 7.54
CA ARG A 4 -6.52 3.96 7.54
C ARG A 4 -6.52 3.34 6.16
N LEU A 5 -5.35 3.31 5.52
CA LEU A 5 -5.24 2.75 4.18
C LEU A 5 -5.46 1.24 4.20
N GLN A 6 -6.28 0.75 3.28
CA GLN A 6 -6.57 -0.68 3.21
C GLN A 6 -5.55 -1.41 2.35
N VAL A 7 -5.15 -2.60 2.79
CA VAL A 7 -4.17 -3.39 2.06
C VAL A 7 -4.82 -4.61 1.40
N GLU A 8 -4.42 -4.88 0.16
CA GLU A 8 -4.96 -6.02 -0.57
C GLU A 8 -3.91 -6.60 -1.50
N GLY A 9 -3.77 -7.93 -1.48
CA GLY A 9 -2.79 -8.60 -2.32
C GLY A 9 -1.41 -8.59 -1.71
N LEU A 10 -1.36 -8.78 -0.40
CA LEU A 10 -0.09 -8.80 0.34
C LEU A 10 -0.10 -9.89 1.39
N SER A 11 1.09 -10.32 1.80
CA SER A 11 1.22 -11.36 2.81
C SER A 11 2.64 -11.41 3.35
N GLY A 12 2.79 -11.96 4.56
CA GLY A 12 4.09 -12.07 5.17
C GLY A 12 4.79 -10.74 5.33
N GLN A 13 5.88 -10.54 4.59
CA GLN A 13 6.65 -9.30 4.65
C GLN A 13 6.12 -8.26 3.66
N LEU A 14 5.23 -8.67 2.78
CA LEU A 14 4.67 -7.76 1.80
C LEU A 14 3.56 -6.93 2.42
N GLU A 15 2.67 -7.60 3.12
CA GLU A 15 1.56 -6.95 3.80
C GLU A 15 2.07 -6.07 4.94
N LYS A 16 3.20 -6.47 5.53
CA LYS A 16 3.79 -5.71 6.62
C LYS A 16 4.49 -4.46 6.10
N ASN A 17 5.23 -4.62 5.00
CA ASN A 17 5.93 -3.50 4.39
C ASN A 17 4.94 -2.44 3.94
N VAL A 18 3.87 -2.87 3.28
CA VAL A 18 2.84 -1.97 2.81
C VAL A 18 2.19 -1.25 3.99
N ARG A 19 1.88 -2.01 5.04
CA ARG A 19 1.26 -1.43 6.24
C ARG A 19 2.07 -0.23 6.71
N ALA A 20 3.38 -0.39 6.76
CA ALA A 20 4.25 0.70 7.18
C ALA A 20 4.10 1.90 6.26
N GLN A 21 4.23 1.65 4.95
CA GLN A 21 4.08 2.71 3.96
C GLN A 21 2.69 3.31 4.02
N LEU A 22 1.70 2.46 4.37
CA LEU A 22 0.33 2.92 4.48
C LEU A 22 0.22 4.02 5.53
N SER A 23 0.95 3.84 6.63
CA SER A 23 0.94 4.80 7.72
C SER A 23 1.87 5.98 7.43
N THR A 24 2.79 5.79 6.47
CA THR A 24 3.72 6.85 6.11
C THR A 24 3.13 7.77 5.05
N ILE A 25 2.11 7.29 4.35
CA ILE A 25 1.46 8.08 3.30
C ILE A 25 0.95 9.41 3.85
N GLU A 26 0.70 10.35 2.95
CA GLU A 26 0.21 11.69 3.32
C GLU A 26 -1.20 11.66 3.91
N SER A 27 -1.79 10.47 4.04
CA SER A 27 -3.15 10.34 4.58
C SER A 27 -3.27 10.99 5.97
N ASP A 28 -2.18 11.52 6.50
CA ASP A 28 -2.18 12.16 7.82
C ASP A 28 -2.98 13.47 7.81
N GLU A 29 -4.05 13.51 7.01
CA GLU A 29 -4.90 14.69 6.89
C GLU A 29 -4.38 15.64 5.82
N VAL A 30 -4.59 15.27 4.56
CA VAL A 30 -4.15 16.08 3.44
C VAL A 30 -5.19 16.07 2.31
N THR A 31 -4.79 16.54 1.13
CA THR A 31 -5.68 16.58 -0.02
C THR A 31 -5.42 15.40 -0.94
N PRO A 32 -6.21 14.32 -0.82
CA PRO A 32 -6.05 13.12 -1.65
C PRO A 32 -6.46 13.35 -3.10
N ASP A 33 -5.50 13.23 -4.00
CA ASP A 33 -5.75 13.40 -5.43
C ASP A 33 -4.84 12.49 -6.24
N ARG A 34 -4.93 12.58 -7.56
CA ARG A 34 -4.11 11.75 -8.45
C ARG A 34 -2.66 11.72 -7.98
N ARG A 35 -2.23 12.79 -7.32
CA ARG A 35 -0.86 12.87 -6.81
C ARG A 35 -0.71 12.05 -5.54
N PHE A 36 -1.74 12.11 -4.69
CA PHE A 36 -1.72 11.34 -3.44
C PHE A 36 -1.68 9.87 -3.77
N ARG A 37 -2.51 9.48 -4.73
CA ARG A 37 -2.59 8.11 -5.18
C ARG A 37 -1.20 7.60 -5.60
N ALA A 38 -0.51 8.39 -6.39
CA ALA A 38 0.83 8.03 -6.87
C ALA A 38 1.77 7.79 -5.71
N ARG A 39 1.75 8.69 -4.73
CA ARG A 39 2.61 8.56 -3.55
C ARG A 39 2.41 7.21 -2.88
N VAL A 40 1.16 6.85 -2.63
CA VAL A 40 0.84 5.57 -2.00
C VAL A 40 1.24 4.43 -2.92
N ASP A 41 0.99 4.62 -4.22
CA ASP A 41 1.34 3.61 -5.22
C ASP A 41 2.85 3.38 -5.25
N ASP A 42 3.59 4.47 -5.36
CA ASP A 42 5.05 4.41 -5.39
C ASP A 42 5.58 3.80 -4.09
N ALA A 43 5.04 4.24 -2.97
CA ALA A 43 5.46 3.73 -1.66
C ALA A 43 5.32 2.22 -1.62
N ILE A 44 4.15 1.72 -1.99
CA ILE A 44 3.90 0.28 -2.00
C ILE A 44 4.89 -0.42 -2.92
N ARG A 45 4.89 -0.01 -4.18
CA ARG A 45 5.79 -0.60 -5.17
C ARG A 45 7.24 -0.54 -4.71
N GLU A 46 7.61 0.55 -4.05
CA GLU A 46 8.97 0.72 -3.56
C GLU A 46 9.28 -0.37 -2.54
N GLY A 47 8.49 -0.41 -1.47
CA GLY A 47 8.69 -1.42 -0.46
C GLY A 47 8.42 -2.80 -1.01
N LEU A 48 7.41 -2.88 -1.88
CA LEU A 48 7.03 -4.14 -2.52
C LEU A 48 8.14 -4.61 -3.44
N LYS A 49 8.86 -3.66 -4.03
CA LYS A 49 9.96 -3.97 -4.92
C LYS A 49 11.13 -4.55 -4.15
N ALA A 50 11.21 -4.23 -2.86
CA ALA A 50 12.29 -4.71 -2.01
C ALA A 50 11.93 -6.03 -1.32
N LEU A 51 10.71 -6.51 -1.51
CA LEU A 51 10.28 -7.75 -0.88
C LEU A 51 10.06 -8.87 -1.89
N GLY A 52 10.44 -8.63 -3.15
CA GLY A 52 10.28 -9.66 -4.16
C GLY A 52 9.48 -9.22 -5.38
N TYR A 53 9.09 -7.95 -5.43
CA TYR A 53 8.32 -7.47 -6.57
C TYR A 53 9.06 -6.39 -7.34
N TYR A 54 8.52 -6.02 -8.50
CA TYR A 54 9.13 -5.00 -9.34
C TYR A 54 8.18 -3.83 -9.56
N GLN A 55 6.95 -4.14 -9.97
CA GLN A 55 5.96 -3.11 -10.21
C GLN A 55 4.54 -3.64 -10.01
N PRO A 56 4.24 -4.23 -8.83
CA PRO A 56 2.92 -4.77 -8.53
C PRO A 56 1.81 -3.76 -8.84
N THR A 57 0.82 -4.20 -9.62
CA THR A 57 -0.29 -3.32 -9.95
C THR A 57 -1.04 -2.95 -8.68
N ILE A 58 -0.82 -1.74 -8.19
CA ILE A 58 -1.45 -1.29 -6.97
C ILE A 58 -2.44 -0.16 -7.22
N GLU A 59 -3.73 -0.48 -7.15
CA GLU A 59 -4.78 0.50 -7.36
C GLU A 59 -5.30 1.03 -6.03
N PHE A 60 -6.18 2.02 -6.08
CA PHE A 60 -6.72 2.60 -4.86
C PHE A 60 -8.18 3.00 -5.03
N ASP A 61 -8.89 3.08 -3.90
CA ASP A 61 -10.29 3.47 -3.88
C ASP A 61 -10.59 4.26 -2.62
N LEU A 62 -10.53 5.58 -2.73
CA LEU A 62 -10.78 6.46 -1.59
C LEU A 62 -12.24 6.86 -1.49
N ARG A 63 -12.75 6.90 -0.26
CA ARG A 63 -14.13 7.28 -0.01
C ARG A 63 -14.20 8.15 1.25
N PRO A 64 -14.49 9.46 1.08
CA PRO A 64 -14.57 10.41 2.19
C PRO A 64 -15.60 10.05 3.26
N PRO A 65 -16.67 9.30 2.93
CA PRO A 65 -17.71 8.94 3.89
C PRO A 65 -17.59 7.50 4.42
N PRO A 66 -16.54 7.20 5.19
CA PRO A 66 -16.34 5.86 5.76
C PRO A 66 -17.44 5.47 6.74
N LYS A 67 -17.37 4.26 7.24
CA LYS A 67 -18.36 3.76 8.19
C LYS A 67 -17.90 3.94 9.63
N LYS A 68 -16.60 3.85 9.88
CA LYS A 68 -16.07 3.98 11.24
C LYS A 68 -14.93 4.97 11.33
N GLY A 69 -14.95 6.00 10.50
CA GLY A 69 -13.88 6.98 10.54
C GLY A 69 -14.21 8.26 9.81
N ARG A 70 -13.17 8.99 9.41
CA ARG A 70 -13.35 10.25 8.70
C ARG A 70 -13.26 10.02 7.19
N GLN A 71 -12.16 9.44 6.76
CA GLN A 71 -11.95 9.14 5.35
C GLN A 71 -11.12 7.86 5.20
N VAL A 72 -11.43 7.04 4.21
CA VAL A 72 -10.69 5.79 4.02
C VAL A 72 -10.18 5.64 2.58
N LEU A 73 -9.05 4.95 2.43
CA LEU A 73 -8.46 4.73 1.12
C LEU A 73 -8.01 3.28 0.97
N ILE A 74 -8.63 2.57 0.04
CA ILE A 74 -8.30 1.17 -0.22
C ILE A 74 -7.08 1.04 -1.11
N ALA A 75 -6.35 -0.07 -0.96
CA ALA A 75 -5.16 -0.31 -1.77
C ALA A 75 -5.05 -1.78 -2.14
N LYS A 76 -5.29 -2.09 -3.41
CA LYS A 76 -5.20 -3.47 -3.90
C LYS A 76 -3.99 -3.64 -4.81
N VAL A 77 -3.11 -4.58 -4.45
CA VAL A 77 -1.91 -4.83 -5.24
C VAL A 77 -1.98 -6.17 -5.95
N THR A 78 -1.36 -6.26 -7.13
CA THR A 78 -1.35 -7.49 -7.91
C THR A 78 -0.16 -7.51 -8.88
N PRO A 79 0.99 -8.04 -8.43
CA PRO A 79 2.19 -8.11 -9.26
C PRO A 79 2.25 -9.39 -10.09
N GLY A 80 2.74 -10.48 -9.50
CA GLY A 80 2.83 -11.74 -10.23
C GLY A 80 3.78 -12.73 -9.60
N VAL A 81 5.08 -12.39 -9.60
CA VAL A 81 6.09 -13.27 -9.04
C VAL A 81 6.77 -12.64 -7.81
N LEU A 82 7.28 -13.49 -6.93
CA LEU A 82 7.96 -13.02 -5.73
C LEU A 82 9.17 -13.89 -5.42
N GLU A 83 10.24 -13.27 -4.91
CA GLU A 83 11.45 -13.99 -4.57
C GLU A 83 11.24 -14.88 -3.35
N HIS A 84 11.85 -16.07 -3.38
CA HIS A 84 11.72 -17.01 -2.28
C HIS A 84 13.02 -17.08 -1.47
N HIS A 85 12.88 -17.44 -0.20
CA HIS A 85 14.04 -17.54 0.69
C HIS A 85 14.97 -18.66 0.25
N HIS A 86 15.94 -18.98 1.11
CA HIS A 86 16.90 -20.04 0.79
C HIS A 86 17.73 -20.39 2.04
N HIS A 87 18.18 -21.65 2.09
CA HIS A 87 18.98 -22.11 3.22
C HIS A 87 20.46 -22.19 2.85
N HIS A 88 20.74 -22.82 1.71
CA HIS A 88 22.11 -22.96 1.24
C HIS A 88 22.75 -21.60 1.01
N HIS A 89 24.07 -21.58 0.90
CA HIS A 89 24.81 -20.34 0.68
C HIS A 89 26.03 -20.58 -0.21
#